data_8YM7
#
_entry.id   8YM7
#
_cell.length_a   120.674
_cell.length_b   178.038
_cell.length_c   234.346
_cell.angle_alpha   90.00
_cell.angle_beta   90.00
_cell.angle_gamma   90.00
#
_symmetry.space_group_name_H-M   'I 2 2 2'
#
loop_
_entity.id
_entity.type
_entity.pdbx_description
1 polymer 'Lysine-specific histone demethylase 1A'
2 polymer 'REST corepressor 1'
3 non-polymer 'FLAVIN-ADENINE DINUCLEOTIDE'
4 non-polymer 4-[5-(4-azanylpiperidin-1-yl)-8-(4-methylphenyl)pyrido[3,4-b]pyrazin-7-yl]-2-fluoranyl-benzenecarbonitrile
#
loop_
_entity_poly.entity_id
_entity_poly.type
_entity_poly.pdbx_seq_one_letter_code
_entity_poly.pdbx_strand_id
1 'polypeptide(L)'
;AVEGAAFQSRLPHDRMTSQEAACFPDIISGPQQTQKVFLFIRNRTLQLWLDNPKIQLTFEATLQQLEAPYNSDTVLVHRV
HSYLERHGLINFGIYKRIKPLPTKKTGKVIIIGSGVSGLAAARQLQSFGMDVTLLEARDRVGGRVATFRKGNYVADLGAM
VVTGLGGNPMAVVSKQVNMELAKIKQKCPLYEANGQAVPKEKDEMVEQEFNRLLEATSYLSHQLDFNVLNNKPVSLGQAL
EVVIQLQEKHVKDEQIEHWKKIVKTQEELKELLNKMVNLKEKIKELHQQYKEASEVKPPRDITAEFLVKSKHRDLTALCK
EYDELAETQGKLEEKLQELEANPPSDVYLSSRDRQILDWHFANLEFANATPLSTLSLKHWDQDDDFEFTGSHLTVRNGYS
CVPVALAEGLDIKLNTAVRQVRYTASGCEVIAVNTRSTSQTFIYKCDAVLCTLPLGVLKQQPPAVQFVPPLPEWKTSAVQ
RMGFGNLNKVVLCFDRVFWDPSVNLFGHVGSTTASRGELFLFWNLYKAPILLALVAGEAAGIMENISDDVIVGRCLAILK
GIFGSSAVPQPKETVVSRWRADPWARGSYSYVAAGSSGNDYDLMAQPITPGPSIPGAPQPIPRLFFAGEHTIRNYPATVH
GALLSGLREAGRIADQFLGA
;
A
2 'polypeptide(L)'
;KRKPPKGMFLSQEDVEAVSANATAATTVLRQLDMELVSVKRQIQNIKQTNSALKEKLDGGIEPYRLPEVIQKCNARWTTE
EQLLAVQAIRKYGRDFQAISDVIGNKSVVQVKNFFVNYRRRFNIDEVLQEWEAE
;
B
#
# COMPACT_ATOMS: atom_id res chain seq x y z
N ALA A 1 33.77 -1.18 10.97
CA ALA A 1 35.04 -1.89 11.24
C ALA A 1 34.84 -3.41 11.13
N VAL A 2 35.11 -4.15 12.21
CA VAL A 2 34.64 -5.53 12.25
C VAL A 2 33.13 -5.56 12.30
N GLU A 3 32.51 -4.60 13.00
CA GLU A 3 31.06 -4.61 13.09
C GLU A 3 30.38 -4.38 11.73
N GLY A 4 31.12 -3.89 10.74
CA GLY A 4 30.55 -3.71 9.41
C GLY A 4 30.46 -5.02 8.66
N ALA A 5 31.46 -5.87 8.88
CA ALA A 5 31.46 -7.19 8.23
C ALA A 5 30.27 -8.03 8.69
N ALA A 6 29.93 -7.99 9.97
CA ALA A 6 28.71 -8.67 10.43
C ALA A 6 27.48 -8.20 9.66
N PHE A 7 27.37 -6.89 9.45
CA PHE A 7 26.24 -6.37 8.70
C PHE A 7 26.27 -6.88 7.24
N GLN A 8 27.46 -6.91 6.64
CA GLN A 8 27.56 -7.33 5.25
C GLN A 8 27.30 -8.82 5.09
N SER A 9 27.26 -9.56 6.19
CA SER A 9 26.96 -10.98 6.21
C SER A 9 25.57 -11.26 6.80
N ARG A 10 24.72 -10.25 6.92
CA ARG A 10 23.37 -10.41 7.46
C ARG A 10 23.36 -11.00 8.87
N LEU A 11 24.35 -10.61 9.69
CA LEU A 11 24.47 -11.07 11.07
C LEU A 11 24.55 -9.91 12.06
N PRO A 12 23.91 -10.03 13.23
CA PRO A 12 24.08 -9.01 14.27
C PRO A 12 25.48 -9.06 14.83
N HIS A 13 26.17 -7.91 14.85
CA HIS A 13 27.55 -7.92 15.32
C HIS A 13 27.66 -8.17 16.81
N ASP A 14 26.59 -7.97 17.58
CA ASP A 14 26.73 -7.89 19.03
C ASP A 14 26.07 -9.03 19.79
N ARG A 15 25.36 -9.93 19.13
CA ARG A 15 24.84 -11.13 19.78
C ARG A 15 25.01 -12.33 18.86
N MET A 16 24.85 -13.51 19.44
CA MET A 16 25.07 -14.74 18.70
C MET A 16 23.77 -15.23 18.09
N THR A 17 23.85 -15.66 16.82
CA THR A 17 22.65 -16.12 16.12
C THR A 17 22.24 -17.48 16.66
N SER A 18 20.97 -17.82 16.45
CA SER A 18 20.48 -19.12 16.92
C SER A 18 21.21 -20.26 16.22
N GLN A 19 21.67 -20.02 14.99
CA GLN A 19 22.57 -20.95 14.32
C GLN A 19 23.82 -21.22 15.13
N GLU A 20 24.47 -20.15 15.58
CA GLU A 20 25.71 -20.26 16.34
C GLU A 20 25.46 -20.90 17.71
N ALA A 21 24.37 -20.55 18.37
CA ALA A 21 23.98 -21.28 19.55
C ALA A 21 24.07 -22.79 19.33
N ALA A 22 23.70 -23.23 18.13
CA ALA A 22 23.61 -24.65 17.87
C ALA A 22 24.99 -25.31 17.81
N CYS A 23 25.98 -24.65 17.19
CA CYS A 23 27.33 -25.20 17.09
C CYS A 23 28.26 -24.78 18.23
N PHE A 24 27.96 -23.72 18.99
CA PHE A 24 28.80 -23.30 20.09
C PHE A 24 27.97 -23.21 21.36
N PRO A 25 27.29 -24.30 21.71
CA PRO A 25 26.54 -24.30 22.98
C PRO A 25 27.42 -23.99 24.16
N ASP A 26 28.71 -24.36 24.12
CA ASP A 26 29.65 -23.88 25.13
C ASP A 26 29.49 -22.37 25.29
N ILE A 27 29.84 -21.61 24.24
CA ILE A 27 29.91 -20.16 24.31
C ILE A 27 28.58 -19.55 24.80
N ILE A 28 27.51 -19.72 24.02
CA ILE A 28 26.22 -19.08 24.29
C ILE A 28 25.76 -19.26 25.74
N SER A 29 26.05 -20.41 26.37
CA SER A 29 25.57 -20.59 27.74
C SER A 29 26.59 -20.17 28.77
N GLY A 30 27.70 -19.57 28.34
CA GLY A 30 28.84 -19.36 29.19
C GLY A 30 29.04 -17.90 29.53
N PRO A 31 30.21 -17.62 30.10
CA PRO A 31 30.56 -16.26 30.49
C PRO A 31 30.38 -15.26 29.36
N GLN A 32 29.65 -14.16 29.65
CA GLN A 32 29.48 -13.14 28.63
C GLN A 32 30.80 -12.64 28.07
N GLN A 33 31.90 -12.78 28.81
CA GLN A 33 33.19 -12.35 28.28
C GLN A 33 33.57 -13.18 27.06
N THR A 34 33.48 -14.51 27.17
CA THR A 34 33.88 -15.35 26.05
C THR A 34 32.99 -15.10 24.83
N GLN A 35 31.68 -14.90 25.04
CA GLN A 35 30.79 -14.54 23.93
C GLN A 35 31.33 -13.35 23.14
N LYS A 36 31.81 -12.32 23.83
CA LYS A 36 32.39 -11.18 23.12
C LYS A 36 33.65 -11.58 22.36
N VAL A 37 34.43 -12.49 22.93
CA VAL A 37 35.60 -13.03 22.23
C VAL A 37 35.16 -13.77 20.98
N PHE A 38 34.15 -14.61 21.13
CA PHE A 38 33.64 -15.34 19.97
C PHE A 38 33.20 -14.37 18.89
N LEU A 39 32.30 -13.44 19.28
CA LEU A 39 31.74 -12.50 18.32
C LEU A 39 32.84 -11.72 17.62
N PHE A 40 33.92 -11.39 18.33
CA PHE A 40 34.97 -10.64 17.67
C PHE A 40 35.72 -11.51 16.67
N ILE A 41 35.98 -12.76 17.04
CA ILE A 41 36.68 -13.67 16.13
C ILE A 41 35.83 -13.91 14.90
N ARG A 42 34.54 -14.17 15.12
CA ARG A 42 33.61 -14.27 14.00
C ARG A 42 33.69 -13.03 13.12
N ASN A 43 33.43 -11.85 13.72
CA ASN A 43 33.35 -10.62 12.95
C ASN A 43 34.67 -10.34 12.23
N ARG A 44 35.79 -10.63 12.87
CA ARG A 44 37.06 -10.31 12.24
C ARG A 44 37.38 -11.28 11.10
N THR A 45 37.07 -12.58 11.27
CA THR A 45 37.22 -13.51 10.17
C THR A 45 36.37 -13.09 8.97
N LEU A 46 35.11 -12.72 9.22
CA LEU A 46 34.28 -12.22 8.14
C LEU A 46 34.93 -11.03 7.47
N GLN A 47 35.42 -10.08 8.27
CA GLN A 47 36.05 -8.91 7.69
C GLN A 47 37.20 -9.32 6.79
N LEU A 48 38.04 -10.24 7.26
CA LEU A 48 39.19 -10.66 6.48
C LEU A 48 38.77 -11.20 5.11
N TRP A 49 37.81 -12.14 5.09
CA TRP A 49 37.32 -12.66 3.80
C TRP A 49 36.69 -11.55 2.96
N LEU A 50 35.85 -10.71 3.58
CA LEU A 50 35.12 -9.72 2.80
C LEU A 50 36.07 -8.73 2.14
N ASP A 51 37.21 -8.48 2.79
CA ASP A 51 38.15 -7.48 2.29
C ASP A 51 38.94 -7.98 1.10
N ASN A 52 38.98 -9.29 0.88
CA ASN A 52 39.51 -9.86 -0.36
C ASN A 52 38.85 -11.20 -0.63
N PRO A 53 37.68 -11.17 -1.26
CA PRO A 53 36.98 -12.40 -1.59
C PRO A 53 37.44 -13.04 -2.89
N LYS A 54 38.53 -12.55 -3.48
CA LYS A 54 39.07 -13.15 -4.69
C LYS A 54 39.99 -14.34 -4.40
N ILE A 55 40.30 -14.63 -3.13
CA ILE A 55 41.19 -15.73 -2.80
C ILE A 55 40.84 -16.32 -1.43
N GLN A 56 41.16 -17.61 -1.26
CA GLN A 56 40.70 -18.40 -0.11
C GLN A 56 41.31 -17.92 1.20
N LEU A 57 40.49 -17.84 2.24
CA LEU A 57 40.91 -17.39 3.56
C LEU A 57 41.17 -18.61 4.43
N THR A 58 42.40 -19.12 4.36
CA THR A 58 42.80 -20.28 5.14
C THR A 58 42.81 -19.97 6.62
N PHE A 59 42.69 -21.03 7.41
CA PHE A 59 42.75 -20.89 8.86
C PHE A 59 44.06 -20.28 9.30
N GLU A 60 45.16 -20.64 8.60
CA GLU A 60 46.47 -20.10 8.92
C GLU A 60 46.34 -18.59 8.89
N ALA A 61 45.99 -18.04 7.71
CA ALA A 61 45.92 -16.59 7.52
C ALA A 61 45.05 -15.93 8.58
N THR A 62 43.97 -16.58 8.97
CA THR A 62 43.06 -15.97 9.94
C THR A 62 43.75 -15.80 11.28
N LEU A 63 44.38 -16.86 11.79
CA LEU A 63 45.09 -16.77 13.06
C LEU A 63 46.25 -15.80 12.96
N GLN A 64 46.95 -15.80 11.82
CA GLN A 64 48.02 -14.84 11.57
C GLN A 64 47.56 -13.40 11.89
N GLN A 65 46.53 -12.92 11.18
CA GLN A 65 46.10 -11.53 11.31
C GLN A 65 45.24 -11.28 12.54
N LEU A 66 44.92 -12.30 13.32
CA LEU A 66 44.31 -12.08 14.62
C LEU A 66 45.34 -11.52 15.59
N GLU A 67 44.93 -10.53 16.39
CA GLU A 67 45.82 -9.73 17.20
C GLU A 67 45.63 -10.05 18.68
N ALA A 68 45.98 -9.06 19.54
CA ALA A 68 45.55 -8.87 20.92
C ALA A 68 45.40 -10.20 21.67
N PRO A 69 44.45 -10.34 22.61
CA PRO A 69 44.30 -11.63 23.31
C PRO A 69 43.64 -12.72 22.49
N TYR A 70 43.18 -12.42 21.27
CA TYR A 70 42.24 -13.28 20.55
C TYR A 70 42.93 -14.45 19.87
N ASN A 71 44.10 -14.21 19.22
CA ASN A 71 44.87 -15.36 18.74
C ASN A 71 45.44 -16.17 19.86
N SER A 72 44.99 -15.94 21.10
CA SER A 72 45.43 -16.79 22.20
C SER A 72 44.81 -18.18 22.07
N ASP A 73 43.48 -18.25 21.90
CA ASP A 73 42.78 -19.54 21.85
C ASP A 73 42.66 -20.01 20.40
N THR A 74 43.60 -20.85 19.98
CA THR A 74 43.64 -21.24 18.59
C THR A 74 42.64 -22.34 18.25
N VAL A 75 42.21 -23.11 19.25
CA VAL A 75 41.12 -24.06 19.00
C VAL A 75 39.82 -23.31 18.74
N LEU A 76 39.51 -22.32 19.57
CA LEU A 76 38.34 -21.47 19.32
C LEU A 76 38.42 -20.82 17.95
N VAL A 77 39.59 -20.32 17.56
CA VAL A 77 39.70 -19.70 16.25
C VAL A 77 39.47 -20.74 15.16
N HIS A 78 40.09 -21.92 15.27
CA HIS A 78 39.88 -22.94 14.24
C HIS A 78 38.41 -23.34 14.18
N ARG A 79 37.74 -23.41 15.34
CA ARG A 79 36.29 -23.67 15.34
C ARG A 79 35.55 -22.61 14.53
N VAL A 80 35.63 -21.34 14.96
CA VAL A 80 34.92 -20.26 14.28
C VAL A 80 35.20 -20.32 12.78
N HIS A 81 36.47 -20.45 12.41
CA HIS A 81 36.78 -20.46 10.97
C HIS A 81 36.06 -21.60 10.27
N SER A 82 36.05 -22.79 10.88
CA SER A 82 35.42 -23.90 10.18
C SER A 82 33.92 -23.67 10.07
N TYR A 83 33.28 -23.23 11.15
CA TYR A 83 31.86 -22.92 11.10
C TYR A 83 31.55 -21.95 9.96
N LEU A 84 32.26 -20.82 9.91
CA LEU A 84 32.04 -19.88 8.83
C LEU A 84 32.20 -20.52 7.47
N GLU A 85 33.06 -21.50 7.35
CA GLU A 85 33.39 -21.96 6.02
C GLU A 85 32.43 -23.05 5.58
N ARG A 86 32.02 -23.88 6.52
CA ARG A 86 30.99 -24.88 6.27
C ARG A 86 29.70 -24.21 5.84
N HIS A 87 29.27 -23.20 6.59
CA HIS A 87 28.01 -22.54 6.31
C HIS A 87 28.13 -21.48 5.20
N GLY A 88 29.28 -21.38 4.57
CA GLY A 88 29.34 -20.59 3.36
C GLY A 88 29.41 -19.11 3.58
N LEU A 89 29.78 -18.68 4.79
CA LEU A 89 29.95 -17.27 5.08
C LEU A 89 31.31 -16.73 4.63
N ILE A 90 32.31 -17.60 4.48
CA ILE A 90 33.58 -17.24 3.88
C ILE A 90 33.91 -18.31 2.83
N ASN A 91 34.88 -18.00 1.97
CA ASN A 91 35.30 -18.90 0.90
C ASN A 91 34.09 -19.50 0.18
N PHE A 92 33.23 -18.62 -0.33
CA PHE A 92 32.14 -19.02 -1.21
C PHE A 92 32.29 -18.27 -2.53
N GLY A 93 31.76 -18.87 -3.60
CA GLY A 93 31.80 -18.24 -4.90
C GLY A 93 32.93 -18.78 -5.76
N ILE A 94 33.69 -17.86 -6.36
CA ILE A 94 34.80 -18.21 -7.25
C ILE A 94 36.04 -17.53 -6.71
N TYR A 95 36.78 -18.23 -5.85
CA TYR A 95 38.04 -17.76 -5.31
C TYR A 95 39.18 -18.62 -5.82
N LYS A 96 40.38 -18.06 -5.81
CA LYS A 96 41.59 -18.86 -5.99
C LYS A 96 41.81 -19.71 -4.75
N ARG A 97 41.90 -21.03 -4.92
CA ARG A 97 42.16 -21.90 -3.77
C ARG A 97 43.61 -21.75 -3.32
N ILE A 98 43.80 -21.89 -2.02
CA ILE A 98 45.14 -22.01 -1.47
C ILE A 98 45.42 -23.50 -1.28
N LYS A 99 44.93 -24.08 -0.19
CA LYS A 99 44.99 -25.52 -0.02
C LYS A 99 44.18 -26.19 -1.14
N PRO A 100 44.79 -27.03 -1.97
CA PRO A 100 44.10 -27.52 -3.16
C PRO A 100 43.19 -28.69 -2.81
N LEU A 101 42.32 -29.03 -3.76
CA LEU A 101 41.20 -29.92 -3.50
C LEU A 101 41.65 -31.29 -3.00
N PRO A 102 40.84 -31.96 -2.18
CA PRO A 102 41.16 -33.33 -1.77
C PRO A 102 41.44 -34.24 -2.97
N THR A 103 42.57 -34.96 -2.85
CA THR A 103 42.96 -35.96 -3.85
C THR A 103 41.84 -36.96 -4.09
N LYS A 104 41.42 -37.65 -3.03
CA LYS A 104 40.34 -38.63 -3.07
C LYS A 104 39.10 -38.00 -2.45
N LYS A 105 37.95 -38.21 -3.11
CA LYS A 105 36.71 -37.57 -2.70
C LYS A 105 35.89 -38.49 -1.79
N THR A 106 34.82 -37.94 -1.20
CA THR A 106 34.01 -38.64 -0.22
C THR A 106 32.55 -38.35 -0.45
N GLY A 107 31.71 -39.38 -0.52
CA GLY A 107 30.28 -39.21 -0.75
C GLY A 107 29.97 -38.83 -2.18
N LYS A 108 28.75 -39.11 -2.67
CA LYS A 108 28.33 -38.62 -3.99
C LYS A 108 26.96 -37.94 -3.92
N VAL A 109 26.85 -36.78 -4.56
CA VAL A 109 25.62 -35.99 -4.51
C VAL A 109 25.19 -35.67 -5.93
N ILE A 110 23.92 -35.94 -6.23
CA ILE A 110 23.29 -35.51 -7.47
C ILE A 110 22.49 -34.26 -7.16
N ILE A 111 22.77 -33.17 -7.89
CA ILE A 111 22.06 -31.90 -7.79
C ILE A 111 21.17 -31.75 -9.02
N ILE A 112 19.86 -31.54 -8.79
CA ILE A 112 18.91 -31.36 -9.89
C ILE A 112 18.79 -29.86 -10.18
N GLY A 113 19.12 -29.49 -11.41
CA GLY A 113 19.07 -28.11 -11.84
C GLY A 113 20.41 -27.43 -11.65
N SER A 114 20.84 -26.67 -12.66
CA SER A 114 22.02 -25.84 -12.43
C SER A 114 21.67 -24.37 -12.55
N GLY A 115 20.57 -23.98 -11.92
CA GLY A 115 20.35 -22.60 -11.63
C GLY A 115 21.39 -22.13 -10.62
N VAL A 116 21.16 -20.93 -10.08
CA VAL A 116 22.18 -20.40 -9.20
C VAL A 116 22.18 -21.17 -7.90
N SER A 117 21.02 -21.65 -7.45
CA SER A 117 21.05 -22.36 -6.18
C SER A 117 21.78 -23.69 -6.33
N GLY A 118 21.44 -24.44 -7.38
CA GLY A 118 22.21 -25.64 -7.69
C GLY A 118 23.69 -25.36 -7.83
N LEU A 119 24.06 -24.34 -8.61
CA LEU A 119 25.47 -24.11 -8.87
C LEU A 119 26.20 -23.78 -7.59
N ALA A 120 25.57 -22.99 -6.74
CA ALA A 120 26.23 -22.53 -5.52
C ALA A 120 26.46 -23.71 -4.58
N ALA A 121 25.45 -24.56 -4.39
CA ALA A 121 25.69 -25.80 -3.65
C ALA A 121 26.82 -26.60 -4.28
N ALA A 122 26.73 -26.84 -5.60
CA ALA A 122 27.73 -27.67 -6.27
C ALA A 122 29.14 -27.18 -5.96
N ARG A 123 29.38 -25.86 -6.04
CA ARG A 123 30.73 -25.36 -5.75
C ARG A 123 31.12 -25.62 -4.30
N GLN A 124 30.17 -25.44 -3.38
CA GLN A 124 30.50 -25.63 -1.98
C GLN A 124 30.84 -27.08 -1.71
N LEU A 125 29.94 -27.98 -2.11
CA LEU A 125 30.13 -29.41 -1.92
C LEU A 125 31.46 -29.85 -2.53
N GLN A 126 31.70 -29.48 -3.78
CA GLN A 126 32.98 -29.81 -4.38
C GLN A 126 34.15 -29.27 -3.55
N SER A 127 34.03 -28.07 -3.00
CA SER A 127 35.21 -27.64 -2.23
C SER A 127 35.31 -28.33 -0.87
N PHE A 128 34.27 -29.03 -0.44
CA PHE A 128 34.31 -29.77 0.81
C PHE A 128 34.86 -31.17 0.61
N GLY A 129 35.12 -31.55 -0.63
CA GLY A 129 35.62 -32.86 -0.94
C GLY A 129 34.59 -33.87 -1.40
N MET A 130 33.40 -33.45 -1.82
CA MET A 130 32.46 -34.44 -2.27
C MET A 130 32.45 -34.53 -3.79
N ASP A 131 31.81 -35.58 -4.27
CA ASP A 131 31.66 -35.83 -5.69
C ASP A 131 30.30 -35.27 -6.10
N VAL A 132 30.29 -34.29 -6.99
CA VAL A 132 29.06 -33.59 -7.30
C VAL A 132 28.81 -33.65 -8.79
N THR A 133 27.62 -34.09 -9.16
CA THR A 133 27.15 -34.02 -10.54
C THR A 133 25.82 -33.28 -10.56
N LEU A 134 25.68 -32.35 -11.49
CA LEU A 134 24.46 -31.61 -11.72
C LEU A 134 23.76 -32.11 -12.97
N LEU A 135 22.45 -32.30 -12.89
CA LEU A 135 21.62 -32.62 -14.05
C LEU A 135 20.72 -31.44 -14.41
N GLU A 136 20.87 -30.93 -15.62
CA GLU A 136 20.15 -29.73 -16.08
C GLU A 136 19.36 -30.05 -17.35
N ALA A 137 18.06 -29.74 -17.33
CA ALA A 137 17.20 -30.02 -18.48
C ALA A 137 17.55 -29.14 -19.68
N ARG A 138 17.76 -27.85 -19.45
CA ARG A 138 18.10 -26.92 -20.52
C ARG A 138 19.46 -27.28 -21.11
N ASP A 139 19.78 -26.60 -22.21
CA ASP A 139 21.12 -26.64 -22.81
C ASP A 139 22.00 -25.50 -22.32
N ARG A 140 21.70 -24.94 -21.15
CA ARG A 140 22.50 -23.85 -20.62
C ARG A 140 22.40 -23.86 -19.11
N VAL A 141 23.36 -23.23 -18.47
CA VAL A 141 23.27 -23.06 -17.03
C VAL A 141 22.40 -21.86 -16.71
N GLY A 142 22.22 -21.57 -15.42
CA GLY A 142 21.61 -20.33 -14.97
C GLY A 142 20.12 -20.37 -14.72
N GLY A 143 19.40 -21.30 -15.31
CA GLY A 143 17.99 -21.37 -14.99
C GLY A 143 17.30 -20.04 -15.29
N ARG A 144 16.69 -19.46 -14.26
CA ARG A 144 15.92 -18.23 -14.41
C ARG A 144 16.81 -16.99 -14.46
N VAL A 145 18.13 -17.14 -14.41
CA VAL A 145 19.06 -16.13 -14.90
C VAL A 145 19.36 -16.48 -16.35
N ALA A 146 18.79 -15.72 -17.27
CA ALA A 146 18.78 -16.07 -18.69
C ALA A 146 19.06 -14.81 -19.48
N THR A 147 20.27 -14.68 -19.99
CA THR A 147 20.68 -13.55 -20.81
C THR A 147 20.56 -13.87 -22.29
N PHE A 148 19.86 -13.01 -23.03
CA PHE A 148 19.81 -13.09 -24.49
C PHE A 148 21.00 -12.35 -25.09
N ARG A 149 21.61 -12.95 -26.11
CA ARG A 149 22.82 -12.38 -26.70
C ARG A 149 22.82 -12.63 -28.21
N LYS A 150 23.08 -11.56 -28.97
CA LYS A 150 23.21 -11.65 -30.43
C LYS A 150 23.96 -10.40 -30.88
N GLY A 151 24.98 -10.57 -31.70
CA GLY A 151 25.89 -9.46 -31.96
C GLY A 151 26.24 -8.77 -30.66
N ASN A 152 26.05 -7.45 -30.63
CA ASN A 152 26.30 -6.60 -29.45
C ASN A 152 25.05 -6.34 -28.64
N TYR A 153 23.87 -6.78 -29.11
CA TYR A 153 22.69 -6.79 -28.27
C TYR A 153 22.88 -7.76 -27.08
N VAL A 154 22.26 -7.40 -25.97
CA VAL A 154 22.41 -8.14 -24.71
C VAL A 154 21.23 -7.77 -23.84
N ALA A 155 20.45 -8.74 -23.42
CA ALA A 155 19.21 -8.39 -22.71
C ALA A 155 18.76 -9.54 -21.82
N ASP A 156 18.67 -9.27 -20.53
CA ASP A 156 18.23 -10.27 -19.56
C ASP A 156 16.75 -10.55 -19.65
N LEU A 157 16.38 -11.79 -19.99
CA LEU A 157 15.00 -12.21 -19.88
C LEU A 157 14.63 -12.73 -18.50
N GLY A 158 15.61 -12.91 -17.61
CA GLY A 158 15.34 -13.35 -16.25
C GLY A 158 15.66 -12.28 -15.22
N ALA A 159 16.30 -12.66 -14.13
CA ALA A 159 16.79 -11.64 -13.21
C ALA A 159 17.56 -10.55 -13.96
N MET A 160 17.34 -9.28 -13.57
CA MET A 160 18.16 -8.19 -14.11
C MET A 160 18.58 -7.15 -13.09
N VAL A 161 18.10 -7.20 -11.86
CA VAL A 161 18.47 -6.21 -10.86
C VAL A 161 19.14 -6.86 -9.66
N VAL A 162 20.20 -6.22 -9.18
CA VAL A 162 20.72 -6.46 -7.85
C VAL A 162 20.06 -5.43 -6.94
N THR A 163 19.19 -5.89 -6.03
CA THR A 163 18.39 -5.00 -5.20
C THR A 163 19.17 -4.48 -3.99
N GLY A 164 20.32 -3.86 -4.27
CA GLY A 164 21.13 -3.26 -3.21
C GLY A 164 22.30 -4.11 -2.78
N LEU A 165 23.46 -3.49 -2.53
CA LEU A 165 24.65 -4.25 -2.16
C LEU A 165 24.89 -4.32 -0.65
N GLY A 166 24.12 -3.60 0.15
CA GLY A 166 24.36 -3.61 1.58
C GLY A 166 23.86 -4.86 2.23
N GLY A 167 24.76 -5.82 2.48
CA GLY A 167 24.39 -7.10 3.04
C GLY A 167 23.95 -8.12 2.02
N ASN A 168 24.27 -7.90 0.75
CA ASN A 168 23.88 -8.76 -0.34
C ASN A 168 25.06 -9.64 -0.70
N PRO A 169 24.95 -10.98 -0.63
CA PRO A 169 26.10 -11.83 -0.97
C PRO A 169 26.57 -11.66 -2.41
N MET A 170 25.74 -11.07 -3.29
CA MET A 170 26.22 -10.76 -4.63
C MET A 170 27.26 -9.64 -4.62
N ALA A 171 27.30 -8.84 -3.55
CA ALA A 171 28.44 -7.97 -3.33
C ALA A 171 29.74 -8.73 -3.54
N VAL A 172 29.87 -9.87 -2.85
CA VAL A 172 31.05 -10.71 -2.97
C VAL A 172 31.18 -11.28 -4.38
N VAL A 173 30.07 -11.73 -4.96
CA VAL A 173 30.15 -12.35 -6.28
C VAL A 173 30.63 -11.34 -7.32
N SER A 174 30.24 -10.08 -7.20
CA SER A 174 30.59 -9.11 -8.24
C SER A 174 32.04 -8.67 -8.13
N LYS A 175 32.60 -8.70 -6.92
CA LYS A 175 34.04 -8.53 -6.79
C LYS A 175 34.76 -9.70 -7.44
N GLN A 176 34.14 -10.88 -7.47
CA GLN A 176 34.76 -12.10 -8.02
C GLN A 176 34.54 -12.26 -9.51
N VAL A 177 33.51 -11.62 -10.08
CA VAL A 177 33.15 -11.77 -11.48
C VAL A 177 33.10 -10.42 -12.18
N ASN A 178 33.52 -10.39 -13.45
CA ASN A 178 33.37 -9.21 -14.28
C ASN A 178 31.90 -8.83 -14.39
N MET A 179 31.37 -8.20 -13.38
CA MET A 179 29.94 -7.93 -13.34
C MET A 179 29.80 -6.42 -13.39
N GLU A 180 29.26 -5.92 -14.51
CA GLU A 180 29.21 -4.50 -14.85
C GLU A 180 27.92 -3.92 -14.27
N LEU A 181 28.00 -3.28 -13.12
CA LEU A 181 26.83 -2.83 -12.37
C LEU A 181 26.57 -1.33 -12.59
N ALA A 182 25.30 -0.98 -12.79
CA ALA A 182 24.89 0.36 -13.19
C ALA A 182 23.72 0.83 -12.35
N LYS A 183 23.90 1.95 -11.64
CA LYS A 183 22.80 2.55 -10.87
C LYS A 183 21.60 2.80 -11.77
N ILE A 184 20.41 2.75 -11.18
CA ILE A 184 19.17 2.94 -11.90
C ILE A 184 18.60 4.29 -11.51
N LYS A 185 18.52 5.22 -12.48
CA LYS A 185 17.95 6.54 -12.23
C LYS A 185 16.46 6.38 -11.95
N GLN A 186 16.07 6.65 -10.71
CA GLN A 186 14.79 6.17 -10.20
C GLN A 186 13.70 7.24 -10.36
N LYS A 187 13.65 7.85 -11.54
CA LYS A 187 12.59 8.76 -11.96
C LYS A 187 11.98 8.25 -13.26
N CYS A 188 10.67 8.38 -13.38
CA CYS A 188 9.90 7.57 -14.33
C CYS A 188 8.63 8.30 -14.77
N PRO A 189 8.62 8.84 -15.99
CA PRO A 189 7.42 9.50 -16.52
C PRO A 189 6.33 8.54 -16.96
N LEU A 190 5.07 9.01 -16.91
CA LEU A 190 3.91 8.18 -17.23
C LEU A 190 3.15 8.78 -18.40
N TYR A 191 2.78 7.96 -19.37
CA TYR A 191 2.21 8.44 -20.62
C TYR A 191 0.85 7.80 -20.85
N GLU A 192 -0.17 8.63 -21.15
CA GLU A 192 -1.57 8.24 -21.11
C GLU A 192 -2.16 7.91 -22.50
N ALA A 193 -3.48 7.65 -22.50
CA ALA A 193 -4.27 7.15 -23.63
C ALA A 193 -3.78 7.59 -25.01
N ASN A 194 -3.99 8.85 -25.37
CA ASN A 194 -3.59 9.34 -26.69
C ASN A 194 -2.07 9.61 -26.78
N GLY A 195 -1.37 9.69 -25.63
CA GLY A 195 0.08 9.84 -25.52
C GLY A 195 0.55 11.15 -24.93
N GLN A 196 0.32 11.39 -23.62
CA GLN A 196 0.60 12.68 -22.94
C GLN A 196 1.31 12.47 -21.60
N ALA A 197 2.54 12.99 -21.45
CA ALA A 197 3.24 12.85 -20.16
C ALA A 197 2.36 13.36 -19.03
N VAL A 198 2.28 12.59 -17.96
CA VAL A 198 1.37 12.95 -16.86
C VAL A 198 2.01 14.08 -16.07
N PRO A 199 1.28 15.17 -15.82
CA PRO A 199 1.85 16.28 -15.04
C PRO A 199 2.48 15.77 -13.75
N LYS A 200 3.65 16.30 -13.44
CA LYS A 200 4.34 15.91 -12.21
C LYS A 200 3.46 16.12 -10.98
N GLU A 201 2.68 17.20 -10.96
CA GLU A 201 1.74 17.43 -9.84
C GLU A 201 0.86 16.19 -9.61
N LYS A 202 0.40 15.56 -10.71
CA LYS A 202 -0.50 14.41 -10.65
C LYS A 202 0.22 13.16 -10.18
N ASP A 203 1.24 12.73 -10.93
CA ASP A 203 2.11 11.62 -10.58
C ASP A 203 2.30 11.53 -9.07
N GLU A 204 2.51 12.67 -8.41
CA GLU A 204 2.83 12.61 -6.99
C GLU A 204 1.59 12.48 -6.12
N MET A 205 0.44 13.03 -6.52
CA MET A 205 -0.74 12.82 -5.69
C MET A 205 -1.12 11.36 -5.69
N VAL A 206 -1.12 10.74 -6.88
CA VAL A 206 -1.51 9.34 -7.00
C VAL A 206 -0.51 8.44 -6.28
N GLU A 207 0.78 8.58 -6.59
CA GLU A 207 1.79 7.83 -5.84
C GLU A 207 1.54 7.95 -4.34
N GLN A 208 1.41 9.18 -3.84
CA GLN A 208 1.16 9.34 -2.41
C GLN A 208 -0.10 8.61 -1.97
N GLU A 209 -1.10 8.52 -2.86
CA GLU A 209 -2.34 7.86 -2.47
C GLU A 209 -2.14 6.36 -2.43
N PHE A 210 -1.54 5.80 -3.49
CA PHE A 210 -1.05 4.43 -3.51
C PHE A 210 -0.40 4.05 -2.18
N ASN A 211 0.64 4.79 -1.78
CA ASN A 211 1.31 4.46 -0.53
C ASN A 211 0.35 4.57 0.66
N ARG A 212 -0.52 5.58 0.66
CA ARG A 212 -1.46 5.69 1.76
C ARG A 212 -2.40 4.48 1.78
N LEU A 213 -2.81 4.04 0.59
CA LEU A 213 -3.69 2.90 0.47
C LEU A 213 -3.02 1.60 0.94
N LEU A 214 -1.71 1.46 0.69
CA LEU A 214 -1.01 0.30 1.25
C LEU A 214 -1.05 0.34 2.78
N GLU A 215 -0.54 1.42 3.39
CA GLU A 215 -0.60 1.49 4.86
C GLU A 215 -2.01 1.21 5.35
N ALA A 216 -3.01 1.68 4.61
CA ALA A 216 -4.38 1.43 5.02
C ALA A 216 -4.65 -0.07 5.16
N THR A 217 -4.21 -0.89 4.19
CA THR A 217 -4.43 -2.33 4.28
C THR A 217 -3.67 -2.93 5.45
N SER A 218 -2.47 -2.43 5.71
CA SER A 218 -1.70 -2.89 6.86
C SER A 218 -2.44 -2.63 8.16
N TYR A 219 -2.99 -1.41 8.33
CA TYR A 219 -3.84 -1.12 9.49
C TYR A 219 -5.10 -1.99 9.46
N LEU A 220 -5.73 -2.08 8.30
CA LEU A 220 -6.88 -2.97 8.14
C LEU A 220 -6.56 -4.38 8.60
N SER A 221 -5.31 -4.83 8.41
CA SER A 221 -4.94 -6.21 8.78
C SER A 221 -4.55 -6.32 10.25
N HIS A 222 -3.52 -5.56 10.67
CA HIS A 222 -2.93 -5.79 11.99
C HIS A 222 -3.82 -5.25 13.11
N GLN A 223 -4.48 -4.12 12.88
CA GLN A 223 -5.28 -3.46 13.92
C GLN A 223 -6.73 -3.94 13.95
N LEU A 224 -7.38 -4.11 12.79
CA LEU A 224 -8.77 -4.54 12.76
C LEU A 224 -8.94 -6.04 12.58
N ASP A 225 -7.86 -6.77 12.26
CA ASP A 225 -7.87 -8.21 11.99
C ASP A 225 -8.86 -8.57 10.88
N PHE A 226 -8.68 -7.90 9.74
CA PHE A 226 -9.53 -8.16 8.57
C PHE A 226 -8.86 -9.24 7.70
N ASN A 227 -8.76 -10.45 8.26
CA ASN A 227 -7.95 -11.48 7.63
C ASN A 227 -8.71 -12.70 7.15
N VAL A 228 -9.86 -13.03 7.72
CA VAL A 228 -10.72 -14.04 7.12
C VAL A 228 -12.03 -13.37 6.72
N LEU A 229 -12.62 -13.86 5.63
CA LEU A 229 -13.87 -13.29 5.14
C LEU A 229 -14.59 -14.34 4.32
N ASN A 230 -15.69 -14.87 4.84
CA ASN A 230 -16.42 -15.94 4.17
C ASN A 230 -15.67 -17.25 4.24
N ASN A 231 -14.83 -17.41 5.28
CA ASN A 231 -14.06 -18.62 5.53
C ASN A 231 -12.79 -18.72 4.69
N LYS A 232 -12.75 -18.05 3.53
CA LYS A 232 -11.52 -17.90 2.77
C LYS A 232 -10.63 -16.83 3.40
N PRO A 233 -9.34 -16.79 3.06
CA PRO A 233 -8.45 -15.75 3.57
C PRO A 233 -8.33 -14.56 2.64
N VAL A 234 -8.13 -13.41 3.24
CA VAL A 234 -8.23 -12.13 2.54
C VAL A 234 -6.96 -11.92 1.72
N SER A 235 -7.11 -11.42 0.49
CA SER A 235 -5.93 -11.03 -0.30
C SER A 235 -5.63 -9.54 -0.15
N LEU A 236 -4.43 -9.15 -0.57
CA LEU A 236 -4.10 -7.74 -0.60
C LEU A 236 -5.10 -6.98 -1.47
N GLY A 237 -5.39 -7.51 -2.67
CA GLY A 237 -6.32 -6.83 -3.56
C GLY A 237 -7.71 -6.62 -2.96
N GLN A 238 -8.28 -7.68 -2.38
CA GLN A 238 -9.52 -7.52 -1.64
C GLN A 238 -9.41 -6.36 -0.67
N ALA A 239 -8.38 -6.36 0.17
CA ALA A 239 -8.29 -5.32 1.18
C ALA A 239 -8.13 -3.95 0.54
N LEU A 240 -7.48 -3.87 -0.62
CA LEU A 240 -7.37 -2.59 -1.32
C LEU A 240 -8.73 -2.07 -1.78
N GLU A 241 -9.52 -2.90 -2.46
CA GLU A 241 -10.91 -2.56 -2.72
C GLU A 241 -11.59 -2.02 -1.46
N VAL A 242 -11.65 -2.85 -0.42
CA VAL A 242 -12.36 -2.45 0.79
C VAL A 242 -11.89 -1.09 1.28
N VAL A 243 -10.60 -0.81 1.17
CA VAL A 243 -10.13 0.51 1.59
C VAL A 243 -10.63 1.57 0.62
N ILE A 244 -10.52 1.31 -0.68
CA ILE A 244 -10.96 2.29 -1.66
C ILE A 244 -12.44 2.57 -1.51
N GLN A 245 -13.25 1.51 -1.45
CA GLN A 245 -14.66 1.71 -1.22
C GLN A 245 -14.90 2.63 -0.02
N LEU A 246 -14.36 2.27 1.15
CA LEU A 246 -14.61 3.07 2.35
C LEU A 246 -14.23 4.53 2.15
N GLN A 247 -13.30 4.81 1.24
CA GLN A 247 -12.96 6.20 0.97
C GLN A 247 -14.04 6.85 0.11
N GLU A 248 -14.54 6.16 -0.90
CA GLU A 248 -15.72 6.66 -1.61
C GLU A 248 -16.91 6.83 -0.66
N LYS A 249 -17.15 5.86 0.22
CA LYS A 249 -18.24 6.02 1.18
C LYS A 249 -18.04 7.27 2.02
N HIS A 250 -16.81 7.53 2.43
CA HIS A 250 -16.60 8.73 3.23
C HIS A 250 -16.76 10.01 2.41
N VAL A 251 -16.43 9.99 1.11
CA VAL A 251 -16.67 11.16 0.28
C VAL A 251 -18.15 11.48 0.19
N LYS A 252 -18.97 10.46 -0.12
CA LYS A 252 -20.41 10.64 -0.12
C LYS A 252 -20.91 11.08 1.25
N ASP A 253 -20.41 10.45 2.31
CA ASP A 253 -20.82 10.81 3.66
C ASP A 253 -20.61 12.29 3.94
N GLU A 254 -19.60 12.91 3.32
CA GLU A 254 -19.29 14.31 3.57
C GLU A 254 -20.19 15.22 2.75
N GLN A 255 -20.45 14.84 1.50
CA GLN A 255 -21.42 15.58 0.70
C GLN A 255 -22.78 15.58 1.39
N ILE A 256 -23.17 14.45 1.98
CA ILE A 256 -24.43 14.39 2.70
C ILE A 256 -24.41 15.34 3.90
N GLU A 257 -23.38 15.26 4.75
CA GLU A 257 -23.32 16.16 5.91
C GLU A 257 -23.29 17.63 5.52
N HIS A 258 -22.91 17.97 4.30
CA HIS A 258 -22.76 19.38 3.88
C HIS A 258 -24.11 19.92 3.42
N TRP A 259 -24.55 19.48 2.23
CA TRP A 259 -25.91 19.82 1.78
C TRP A 259 -26.93 19.65 2.91
N LYS A 260 -26.73 18.68 3.79
CA LYS A 260 -27.66 18.47 4.89
C LYS A 260 -27.63 19.64 5.88
N LYS A 261 -26.53 20.39 5.97
CA LYS A 261 -26.49 21.59 6.78
C LYS A 261 -26.73 22.85 5.94
N ILE A 262 -26.70 22.76 4.62
CA ILE A 262 -27.34 23.79 3.81
C ILE A 262 -28.85 23.76 4.04
N VAL A 263 -29.46 22.57 3.98
CA VAL A 263 -30.90 22.51 4.10
C VAL A 263 -31.35 22.92 5.51
N LYS A 264 -30.58 22.59 6.54
CA LYS A 264 -30.95 23.04 7.88
C LYS A 264 -30.99 24.56 7.94
N THR A 265 -30.06 25.19 7.25
CA THR A 265 -30.02 26.64 7.22
C THR A 265 -31.16 27.18 6.35
N GLN A 266 -31.35 26.63 5.16
CA GLN A 266 -32.49 27.01 4.34
C GLN A 266 -33.81 26.89 5.11
N GLU A 267 -33.95 25.84 5.92
CA GLU A 267 -35.18 25.74 6.71
C GLU A 267 -35.21 26.75 7.85
N GLU A 268 -34.05 27.21 8.31
CA GLU A 268 -34.00 28.27 9.33
C GLU A 268 -34.45 29.60 8.75
N LEU A 269 -33.86 29.99 7.61
CA LEU A 269 -34.33 31.12 6.82
C LEU A 269 -35.83 31.08 6.63
N LYS A 270 -36.34 29.99 6.07
CA LYS A 270 -37.77 29.83 5.86
C LYS A 270 -38.56 30.20 7.12
N GLU A 271 -38.24 29.58 8.26
CA GLU A 271 -38.92 29.91 9.51
C GLU A 271 -38.88 31.41 9.79
N LEU A 272 -37.77 32.05 9.43
CA LEU A 272 -37.60 33.49 9.69
C LEU A 272 -38.46 34.31 8.75
N LEU A 273 -38.29 34.11 7.45
CA LEU A 273 -39.15 34.73 6.44
C LEU A 273 -40.60 34.70 6.89
N ASN A 274 -41.06 33.58 7.45
CA ASN A 274 -42.44 33.53 7.89
C ASN A 274 -42.72 34.52 9.02
N LYS A 275 -41.95 34.48 10.10
CA LYS A 275 -42.13 35.51 11.12
C LYS A 275 -42.19 36.90 10.49
N MET A 276 -41.38 37.11 9.45
CA MET A 276 -41.27 38.45 8.88
C MET A 276 -42.43 38.82 7.96
N VAL A 277 -43.01 37.88 7.23
CA VAL A 277 -44.23 38.18 6.48
C VAL A 277 -45.37 38.54 7.44
N ASN A 278 -45.57 37.72 8.48
CA ASN A 278 -46.61 37.95 9.47
C ASN A 278 -46.26 39.06 10.46
N LEU A 279 -45.14 39.75 10.29
CA LEU A 279 -44.97 41.06 10.89
C LEU A 279 -45.30 42.18 9.94
N LYS A 280 -44.89 42.08 8.68
CA LYS A 280 -45.36 43.04 7.68
C LYS A 280 -46.89 43.04 7.64
N GLU A 281 -47.52 41.86 7.63
CA GLU A 281 -48.97 41.83 7.68
C GLU A 281 -49.48 42.51 8.95
N LYS A 282 -48.95 42.11 10.12
CA LYS A 282 -49.39 42.73 11.37
C LYS A 282 -49.11 44.23 11.41
N ILE A 283 -48.01 44.68 10.83
CA ILE A 283 -47.67 46.09 10.87
C ILE A 283 -48.60 46.89 9.95
N LYS A 284 -48.91 46.35 8.76
CA LYS A 284 -49.85 46.99 7.85
C LYS A 284 -51.13 47.42 8.59
N GLU A 285 -51.73 46.51 9.35
CA GLU A 285 -52.94 46.84 10.09
C GLU A 285 -52.69 47.94 11.11
N LEU A 286 -51.61 47.82 11.89
CA LEU A 286 -51.33 48.84 12.89
C LEU A 286 -51.19 50.21 12.28
N HIS A 287 -50.71 50.30 11.04
CA HIS A 287 -50.66 51.58 10.35
C HIS A 287 -52.07 52.09 10.07
N GLN A 288 -52.85 51.32 9.30
CA GLN A 288 -54.25 51.64 9.08
C GLN A 288 -54.90 52.10 10.37
N GLN A 289 -54.74 51.32 11.44
CA GLN A 289 -55.39 51.65 12.69
C GLN A 289 -54.88 52.98 13.26
N TYR A 290 -53.56 53.20 13.22
CA TYR A 290 -53.01 54.45 13.71
C TYR A 290 -53.44 55.62 12.85
N LYS A 291 -53.55 55.39 11.53
CA LYS A 291 -53.97 56.46 10.64
C LYS A 291 -55.42 56.87 10.93
N GLU A 292 -56.32 55.89 11.04
CA GLU A 292 -57.71 56.17 11.38
C GLU A 292 -57.83 56.86 12.74
N ALA A 293 -57.09 56.38 13.73
CA ALA A 293 -57.11 57.03 15.04
C ALA A 293 -56.57 58.44 14.97
N SER A 294 -55.77 58.75 13.95
CA SER A 294 -55.29 60.12 13.79
C SER A 294 -56.26 61.00 13.03
N GLU A 295 -57.25 60.41 12.35
CA GLU A 295 -58.33 61.15 11.69
C GLU A 295 -59.15 61.96 12.69
N VAL A 296 -59.18 61.53 13.95
CA VAL A 296 -59.90 62.22 15.00
C VAL A 296 -59.01 63.35 15.49
N LYS A 297 -59.28 64.59 15.03
CA LYS A 297 -58.41 65.74 15.19
C LYS A 297 -58.43 66.30 16.62
N PRO A 298 -57.38 67.03 17.01
CA PRO A 298 -56.85 66.99 18.39
C PRO A 298 -57.69 67.73 19.41
N PRO A 299 -58.67 68.57 19.01
CA PRO A 299 -59.74 68.87 19.99
C PRO A 299 -60.36 67.55 20.42
N ARG A 300 -59.62 66.76 21.25
CA ARG A 300 -59.96 65.35 21.49
C ARG A 300 -59.64 64.95 22.92
N ASP A 301 -60.45 64.02 23.42
CA ASP A 301 -60.42 63.57 24.80
C ASP A 301 -59.25 62.62 25.00
N ILE A 302 -59.12 62.09 26.22
CA ILE A 302 -57.88 61.38 26.51
C ILE A 302 -57.91 59.92 26.06
N THR A 303 -59.05 59.24 26.11
CA THR A 303 -59.08 57.89 25.52
C THR A 303 -58.73 57.92 24.04
N ALA A 304 -59.22 58.91 23.30
CA ALA A 304 -58.86 59.03 21.89
C ALA A 304 -57.39 59.38 21.69
N GLU A 305 -56.81 60.17 22.61
CA GLU A 305 -55.38 60.44 22.57
C GLU A 305 -54.58 59.20 22.99
N PHE A 306 -55.10 58.42 23.92
CA PHE A 306 -54.40 57.20 24.33
C PHE A 306 -54.33 56.23 23.17
N LEU A 307 -55.33 56.24 22.31
CA LEU A 307 -55.36 55.28 21.22
C LEU A 307 -54.44 55.69 20.08
N VAL A 308 -54.20 56.99 19.89
CA VAL A 308 -53.17 57.42 18.96
C VAL A 308 -51.79 57.06 19.52
N LYS A 309 -51.51 57.47 20.77
CA LYS A 309 -50.21 57.21 21.39
C LYS A 309 -49.98 55.71 21.58
N SER A 310 -51.03 54.97 21.93
CA SER A 310 -50.90 53.52 22.08
C SER A 310 -50.55 52.88 20.75
N LYS A 311 -51.45 52.96 19.76
CA LYS A 311 -51.16 52.39 18.45
C LYS A 311 -49.78 52.77 17.94
N HIS A 312 -49.22 53.90 18.39
CA HIS A 312 -47.91 54.32 17.91
C HIS A 312 -46.78 53.53 18.57
N ARG A 313 -46.74 53.53 19.91
CA ARG A 313 -45.85 52.65 20.66
C ARG A 313 -45.92 51.23 20.09
N ASP A 314 -47.11 50.61 20.12
CA ASP A 314 -47.34 49.32 19.44
C ASP A 314 -46.69 49.25 18.05
N LEU A 315 -46.81 50.31 17.25
CA LEU A 315 -46.38 50.20 15.87
C LEU A 315 -44.86 50.25 15.73
N THR A 316 -44.17 51.00 16.60
CA THR A 316 -42.70 51.03 16.53
C THR A 316 -42.06 49.85 17.26
N ALA A 317 -42.79 49.17 18.14
CA ALA A 317 -42.35 47.89 18.70
C ALA A 317 -42.26 46.87 17.57
N LEU A 318 -43.40 46.45 17.02
CA LEU A 318 -43.43 45.62 15.82
C LEU A 318 -42.46 46.10 14.75
N CYS A 319 -41.98 47.33 14.85
CA CYS A 319 -41.05 47.80 13.83
C CYS A 319 -39.61 47.48 14.18
N LYS A 320 -39.20 47.67 15.44
CA LYS A 320 -37.91 47.15 15.86
C LYS A 320 -37.89 45.63 15.70
N GLU A 321 -38.92 44.95 16.21
CA GLU A 321 -38.98 43.49 16.13
C GLU A 321 -38.69 42.99 14.71
N TYR A 322 -39.30 43.60 13.70
CA TYR A 322 -39.05 43.19 12.32
C TYR A 322 -37.67 43.61 11.83
N ASP A 323 -37.05 44.61 12.45
CA ASP A 323 -35.73 44.99 11.94
C ASP A 323 -34.64 44.05 12.46
N GLU A 324 -34.76 43.60 13.71
CA GLU A 324 -33.82 42.59 14.19
C GLU A 324 -34.01 41.29 13.43
N LEU A 325 -35.26 40.92 13.10
CA LEU A 325 -35.47 39.73 12.29
C LEU A 325 -34.86 39.84 10.91
N ALA A 326 -34.67 41.05 10.38
CA ALA A 326 -34.10 41.18 9.04
C ALA A 326 -32.60 41.40 9.05
N GLU A 327 -32.00 41.51 10.24
CA GLU A 327 -30.55 41.35 10.36
C GLU A 327 -30.19 39.88 10.58
N THR A 328 -30.89 39.20 11.50
CA THR A 328 -30.81 37.74 11.56
C THR A 328 -31.04 37.11 10.19
N GLN A 329 -31.88 37.71 9.36
CA GLN A 329 -32.06 37.20 8.01
C GLN A 329 -30.89 37.53 7.10
N GLY A 330 -29.99 38.40 7.52
CA GLY A 330 -28.83 38.71 6.71
C GLY A 330 -27.64 37.87 7.12
N LYS A 331 -27.53 37.57 8.41
CA LYS A 331 -26.52 36.63 8.89
C LYS A 331 -26.75 35.25 8.30
N LEU A 332 -28.02 34.79 8.33
CA LEU A 332 -28.37 33.53 7.69
C LEU A 332 -28.13 33.61 6.19
N GLU A 333 -28.45 34.74 5.56
CA GLU A 333 -28.36 34.83 4.11
C GLU A 333 -26.93 34.65 3.61
N GLU A 334 -25.92 34.92 4.44
CA GLU A 334 -24.55 34.78 3.98
C GLU A 334 -23.89 33.49 4.43
N LYS A 335 -24.11 33.06 5.68
CA LYS A 335 -23.72 31.71 6.07
C LYS A 335 -24.09 30.71 4.98
N LEU A 336 -25.24 30.91 4.34
CA LEU A 336 -25.71 30.07 3.24
C LEU A 336 -25.04 30.41 1.90
N GLN A 337 -24.56 31.65 1.73
CA GLN A 337 -23.85 31.97 0.50
C GLN A 337 -22.44 31.38 0.51
N GLU A 338 -21.95 31.03 1.70
CA GLU A 338 -20.63 30.45 1.88
C GLU A 338 -20.66 28.93 1.66
N LEU A 339 -21.51 28.22 2.41
CA LEU A 339 -21.69 26.79 2.19
C LEU A 339 -21.96 26.47 0.73
N GLU A 340 -22.70 27.32 0.04
CA GLU A 340 -22.87 27.06 -1.38
C GLU A 340 -21.54 27.16 -2.14
N ALA A 341 -20.47 27.61 -1.47
CA ALA A 341 -19.17 27.84 -2.10
C ALA A 341 -18.03 27.05 -1.44
N ASN A 342 -18.34 26.15 -0.50
CA ASN A 342 -17.36 25.35 0.22
C ASN A 342 -17.64 23.86 0.05
N PRO A 343 -17.82 23.38 -1.17
CA PRO A 343 -18.31 22.01 -1.37
C PRO A 343 -17.18 21.01 -1.27
N PRO A 344 -17.24 20.06 -0.30
CA PRO A 344 -16.23 19.00 -0.24
C PRO A 344 -15.93 18.38 -1.60
N SER A 345 -14.89 17.56 -1.67
CA SER A 345 -14.48 17.04 -2.97
C SER A 345 -15.64 16.28 -3.60
N ASP A 346 -15.78 16.45 -4.91
CA ASP A 346 -16.84 15.79 -5.65
C ASP A 346 -16.61 14.28 -5.74
N VAL A 347 -15.33 13.85 -5.78
CA VAL A 347 -14.96 12.44 -5.90
C VAL A 347 -13.82 12.12 -4.95
N TYR A 348 -13.62 10.81 -4.74
CA TYR A 348 -12.39 10.31 -4.13
C TYR A 348 -11.28 10.26 -5.18
N LEU A 349 -11.53 9.60 -6.31
CA LEU A 349 -10.57 9.65 -7.40
C LEU A 349 -11.29 9.72 -8.74
N SER A 350 -10.83 10.65 -9.57
CA SER A 350 -11.32 10.82 -10.94
C SER A 350 -10.95 9.61 -11.79
N SER A 351 -11.54 9.53 -12.98
CA SER A 351 -11.19 8.44 -13.89
C SER A 351 -9.75 8.53 -14.37
N ARG A 352 -9.30 9.73 -14.71
CA ARG A 352 -7.89 9.89 -15.03
C ARG A 352 -7.01 9.44 -13.87
N ASP A 353 -7.44 9.73 -12.64
CA ASP A 353 -6.66 9.37 -11.46
C ASP A 353 -6.61 7.85 -11.29
N ARG A 354 -7.77 7.21 -11.10
CA ARG A 354 -7.82 5.76 -10.92
C ARG A 354 -7.07 4.97 -11.98
N GLN A 355 -6.86 5.52 -13.18
CA GLN A 355 -6.02 4.79 -14.10
C GLN A 355 -4.54 5.01 -13.83
N ILE A 356 -4.18 6.13 -13.22
CA ILE A 356 -2.77 6.28 -12.84
C ILE A 356 -2.48 5.44 -11.60
N LEU A 357 -3.42 5.41 -10.65
CA LEU A 357 -3.34 4.46 -9.54
C LEU A 357 -3.20 3.03 -10.07
N ASP A 358 -3.92 2.69 -11.15
CA ASP A 358 -3.83 1.34 -11.68
C ASP A 358 -2.44 1.04 -12.20
N TRP A 359 -1.68 2.05 -12.57
CA TRP A 359 -0.30 1.79 -12.98
C TRP A 359 0.56 1.50 -11.77
N HIS A 360 0.36 2.23 -10.68
CA HIS A 360 1.10 1.94 -9.46
C HIS A 360 0.76 0.55 -8.94
N PHE A 361 -0.44 0.07 -9.19
CA PHE A 361 -0.76 -1.30 -8.83
C PHE A 361 -0.03 -2.28 -9.74
N ALA A 362 -0.06 -2.06 -11.05
CA ALA A 362 0.70 -2.92 -11.94
C ALA A 362 2.17 -2.95 -11.55
N ASN A 363 2.73 -1.82 -11.10
CA ASN A 363 4.11 -1.83 -10.62
C ASN A 363 4.27 -2.81 -9.45
N LEU A 364 3.26 -2.93 -8.60
CA LEU A 364 3.29 -3.84 -7.47
C LEU A 364 3.05 -5.29 -7.91
N GLU A 365 2.20 -5.50 -8.92
CA GLU A 365 2.04 -6.83 -9.49
C GLU A 365 3.33 -7.26 -10.17
N PHE A 366 4.05 -6.31 -10.75
CA PHE A 366 5.28 -6.68 -11.43
C PHE A 366 6.37 -7.09 -10.45
N ALA A 367 6.54 -6.37 -9.35
CA ALA A 367 7.54 -6.75 -8.36
C ALA A 367 7.23 -8.10 -7.74
N ASN A 368 5.99 -8.30 -7.34
CA ASN A 368 5.61 -9.56 -6.75
C ASN A 368 5.20 -10.61 -7.79
N ALA A 369 5.42 -10.33 -9.07
CA ALA A 369 5.03 -11.21 -10.19
C ALA A 369 3.71 -11.96 -9.96
N THR A 370 2.65 -11.23 -9.62
CA THR A 370 1.34 -11.86 -9.50
C THR A 370 0.21 -10.85 -9.24
N PRO A 371 -1.03 -11.20 -9.61
CA PRO A 371 -2.17 -10.34 -9.30
C PRO A 371 -2.35 -10.10 -7.81
N LEU A 372 -2.69 -8.85 -7.45
CA LEU A 372 -2.87 -8.53 -6.04
C LEU A 372 -4.03 -9.30 -5.41
N SER A 373 -4.84 -9.97 -6.20
CA SER A 373 -5.90 -10.81 -5.65
C SER A 373 -5.40 -12.11 -5.10
N THR A 374 -4.14 -12.48 -5.41
CA THR A 374 -3.50 -13.71 -4.95
C THR A 374 -2.61 -13.52 -3.72
N LEU A 375 -2.04 -12.31 -3.52
CA LEU A 375 -1.11 -12.07 -2.41
C LEU A 375 -1.82 -12.13 -1.07
N SER A 376 -1.17 -12.76 -0.08
CA SER A 376 -1.73 -12.80 1.27
C SER A 376 -1.75 -11.39 1.85
N LEU A 377 -2.91 -10.96 2.33
CA LEU A 377 -2.92 -9.65 2.98
C LEU A 377 -1.98 -9.66 4.17
N LYS A 378 -2.10 -10.67 5.03
CA LYS A 378 -1.32 -10.72 6.26
C LYS A 378 0.19 -10.81 6.00
N HIS A 379 0.62 -11.56 4.98
CA HIS A 379 2.02 -11.97 4.89
C HIS A 379 2.76 -11.60 3.60
N TRP A 380 2.11 -10.96 2.64
CA TRP A 380 2.74 -10.71 1.36
C TRP A 380 4.06 -9.96 1.48
N ASP A 381 4.26 -9.19 2.53
CA ASP A 381 5.44 -8.33 2.62
C ASP A 381 6.40 -8.82 3.70
N GLN A 382 6.28 -10.09 4.11
CA GLN A 382 7.00 -10.59 5.28
C GLN A 382 8.51 -10.59 5.14
N ASP A 383 9.05 -10.50 3.93
CA ASP A 383 10.49 -10.38 3.77
C ASP A 383 10.99 -8.94 3.68
N ASP A 384 10.13 -7.94 3.98
CA ASP A 384 10.51 -6.54 3.78
C ASP A 384 11.52 -6.08 4.81
N ASP A 385 11.42 -6.60 6.03
CA ASP A 385 12.41 -6.32 7.07
C ASP A 385 13.84 -6.56 6.62
N PHE A 386 14.07 -7.39 5.59
CA PHE A 386 15.41 -7.87 5.30
C PHE A 386 15.98 -7.22 4.06
N GLU A 387 15.44 -6.07 3.66
CA GLU A 387 15.88 -5.40 2.45
C GLU A 387 17.35 -5.02 2.56
N PHE A 388 18.04 -5.10 1.43
CA PHE A 388 19.40 -4.61 1.43
C PHE A 388 19.42 -3.08 1.39
N THR A 389 20.57 -2.51 1.69
CA THR A 389 20.74 -1.07 1.60
C THR A 389 21.55 -0.69 0.35
N GLY A 390 21.35 0.54 -0.12
CA GLY A 390 22.05 1.03 -1.30
C GLY A 390 21.17 0.99 -2.53
N SER A 391 21.75 1.47 -3.63
CA SER A 391 20.95 1.66 -4.83
C SER A 391 20.68 0.33 -5.51
N HIS A 392 19.63 0.32 -6.31
CA HIS A 392 19.31 -0.84 -7.12
C HIS A 392 20.08 -0.75 -8.41
N LEU A 393 20.64 -1.87 -8.83
CA LEU A 393 21.57 -1.91 -9.95
C LEU A 393 21.05 -2.83 -11.03
N THR A 394 21.39 -2.53 -12.27
CA THR A 394 21.18 -3.50 -13.34
C THR A 394 22.54 -4.04 -13.72
N VAL A 395 22.54 -5.22 -14.35
CA VAL A 395 23.76 -5.84 -14.85
C VAL A 395 23.87 -5.47 -16.31
N ARG A 396 24.79 -4.53 -16.59
CA ARG A 396 24.90 -3.99 -17.93
C ARG A 396 25.28 -5.06 -18.93
N ASN A 397 26.06 -6.05 -18.52
CA ASN A 397 26.61 -7.03 -19.45
C ASN A 397 25.91 -8.39 -19.38
N GLY A 398 24.69 -8.45 -18.86
CA GLY A 398 23.96 -9.71 -18.81
C GLY A 398 24.20 -10.51 -17.54
N TYR A 399 23.13 -10.85 -16.81
CA TYR A 399 23.32 -11.54 -15.54
C TYR A 399 23.90 -12.94 -15.71
N SER A 400 23.79 -13.52 -16.92
CA SER A 400 24.28 -14.87 -17.18
C SER A 400 25.76 -15.01 -16.86
N CYS A 401 26.51 -13.91 -16.87
CA CYS A 401 27.93 -14.02 -16.58
C CYS A 401 28.17 -14.71 -15.26
N VAL A 402 27.22 -14.57 -14.31
CA VAL A 402 27.36 -15.07 -12.94
C VAL A 402 27.23 -16.59 -12.96
N PRO A 403 26.12 -17.15 -13.47
CA PRO A 403 26.04 -18.60 -13.57
C PRO A 403 27.20 -19.17 -14.35
N VAL A 404 27.43 -18.64 -15.55
CA VAL A 404 28.53 -19.18 -16.32
C VAL A 404 29.79 -19.24 -15.48
N ALA A 405 30.06 -18.19 -14.71
CA ALA A 405 31.26 -18.20 -13.87
C ALA A 405 31.22 -19.34 -12.86
N LEU A 406 30.10 -19.48 -12.15
CA LEU A 406 30.03 -20.50 -11.11
C LEU A 406 30.20 -21.89 -11.70
N ALA A 407 29.73 -22.10 -12.93
CA ALA A 407 29.76 -23.42 -13.56
C ALA A 407 31.18 -23.89 -13.89
N GLU A 408 32.16 -22.99 -13.92
CA GLU A 408 33.53 -23.40 -14.27
C GLU A 408 34.06 -24.37 -13.22
N GLY A 409 34.41 -25.57 -13.69
CA GLY A 409 35.02 -26.60 -12.87
C GLY A 409 34.09 -27.71 -12.49
N LEU A 410 32.80 -27.56 -12.74
CA LEU A 410 31.80 -28.47 -12.22
C LEU A 410 31.40 -29.48 -13.28
N ASP A 411 30.79 -30.57 -12.82
CA ASP A 411 30.37 -31.67 -13.69
C ASP A 411 28.89 -31.48 -13.99
N ILE A 412 28.59 -30.88 -15.13
CA ILE A 412 27.21 -30.48 -15.44
C ILE A 412 26.75 -31.29 -16.65
N LYS A 413 25.66 -32.05 -16.49
CA LYS A 413 25.08 -32.81 -17.61
C LYS A 413 23.90 -32.02 -18.18
N LEU A 414 24.09 -31.38 -19.35
CA LEU A 414 22.99 -30.63 -19.94
C LEU A 414 22.07 -31.55 -20.75
N ASN A 415 20.87 -31.05 -21.05
CA ASN A 415 19.90 -31.80 -21.87
C ASN A 415 19.52 -33.12 -21.22
N THR A 416 19.54 -33.10 -19.89
CA THR A 416 19.25 -34.23 -19.02
C THR A 416 18.07 -33.82 -18.16
N ALA A 417 16.91 -34.39 -18.40
CA ALA A 417 15.70 -33.99 -17.70
C ALA A 417 15.36 -35.05 -16.67
N VAL A 418 15.49 -34.70 -15.38
CA VAL A 418 15.16 -35.68 -14.36
C VAL A 418 13.69 -36.04 -14.47
N ARG A 419 13.38 -37.32 -14.31
CA ARG A 419 12.02 -37.84 -14.40
C ARG A 419 11.55 -38.49 -13.13
N GLN A 420 12.45 -39.12 -12.39
CA GLN A 420 12.02 -39.80 -11.19
C GLN A 420 13.16 -39.73 -10.20
N VAL A 421 12.82 -39.51 -8.94
CA VAL A 421 13.79 -39.43 -7.86
C VAL A 421 13.42 -40.52 -6.87
N ARG A 422 14.36 -41.44 -6.64
CA ARG A 422 14.17 -42.59 -5.76
C ARG A 422 15.12 -42.46 -4.57
N TYR A 423 14.57 -42.51 -3.35
CA TYR A 423 15.44 -42.34 -2.18
C TYR A 423 15.06 -43.37 -1.13
N THR A 424 16.07 -44.03 -0.59
CA THR A 424 15.88 -45.17 0.29
C THR A 424 16.94 -45.14 1.37
N ALA A 425 16.74 -45.98 2.37
CA ALA A 425 17.69 -46.07 3.47
C ALA A 425 19.13 -46.23 2.98
N SER A 426 19.35 -46.91 1.86
CA SER A 426 20.68 -47.22 1.37
C SER A 426 21.28 -46.13 0.50
N GLY A 427 20.44 -45.27 -0.09
CA GLY A 427 20.87 -44.23 -1.03
C GLY A 427 19.76 -43.90 -2.03
N CYS A 428 20.16 -43.32 -3.18
CA CYS A 428 19.17 -42.84 -4.15
C CYS A 428 19.62 -43.10 -5.57
N GLU A 429 18.63 -43.30 -6.43
CA GLU A 429 18.82 -43.20 -7.87
C GLU A 429 17.91 -42.12 -8.42
N VAL A 430 18.50 -41.28 -9.28
CA VAL A 430 17.77 -40.32 -10.09
C VAL A 430 17.73 -40.87 -11.50
N ILE A 431 16.54 -40.85 -12.11
CA ILE A 431 16.34 -41.31 -13.49
C ILE A 431 16.12 -40.09 -14.37
N ALA A 432 16.94 -39.94 -15.41
CA ALA A 432 16.79 -38.83 -16.34
C ALA A 432 16.85 -39.33 -17.79
N VAL A 433 16.27 -38.53 -18.71
CA VAL A 433 16.26 -38.84 -20.14
C VAL A 433 16.97 -37.73 -20.89
N ASN A 434 17.34 -38.01 -22.12
CA ASN A 434 17.92 -36.97 -22.98
C ASN A 434 16.81 -36.13 -23.62
N THR A 435 16.90 -34.81 -23.47
CA THR A 435 15.85 -33.93 -23.98
C THR A 435 15.81 -33.93 -25.51
N ARG A 436 16.94 -34.20 -26.16
CA ARG A 436 16.95 -34.28 -27.61
C ARG A 436 16.23 -35.55 -28.11
N SER A 437 16.62 -36.74 -27.61
CA SER A 437 15.93 -38.00 -27.92
C SER A 437 15.34 -38.61 -26.64
N THR A 438 14.03 -38.44 -26.45
CA THR A 438 13.34 -38.81 -25.20
C THR A 438 13.72 -40.20 -24.70
N SER A 439 14.11 -41.12 -25.59
CA SER A 439 14.14 -42.55 -25.27
C SER A 439 15.41 -42.93 -24.53
N GLN A 440 16.54 -42.32 -24.88
CA GLN A 440 17.81 -42.52 -24.19
C GLN A 440 17.68 -42.21 -22.68
N THR A 441 17.95 -43.21 -21.85
CA THR A 441 17.62 -43.13 -20.43
C THR A 441 18.88 -43.23 -19.56
N PHE A 442 18.84 -42.60 -18.38
CA PHE A 442 20.01 -42.52 -17.49
C PHE A 442 19.64 -42.81 -16.03
N ILE A 443 20.51 -43.57 -15.37
CA ILE A 443 20.36 -43.92 -13.96
C ILE A 443 21.56 -43.36 -13.23
N TYR A 444 21.33 -42.44 -12.30
CA TYR A 444 22.38 -41.86 -11.46
C TYR A 444 22.15 -42.35 -10.04
N LYS A 445 23.18 -42.95 -9.43
CA LYS A 445 23.09 -43.44 -8.06
C LYS A 445 23.98 -42.58 -7.19
N CYS A 446 23.51 -42.26 -5.99
CA CYS A 446 24.20 -41.27 -5.16
C CYS A 446 23.79 -41.46 -3.70
N ASP A 447 24.56 -40.80 -2.83
CA ASP A 447 24.25 -40.78 -1.40
C ASP A 447 23.10 -39.84 -1.04
N ALA A 448 22.93 -38.74 -1.80
CA ALA A 448 22.00 -37.65 -1.51
C ALA A 448 21.64 -36.92 -2.79
N VAL A 449 20.38 -36.48 -2.89
CA VAL A 449 19.93 -35.60 -3.97
C VAL A 449 19.62 -34.21 -3.40
N LEU A 450 20.22 -33.18 -4.01
CA LEU A 450 19.79 -31.80 -3.79
C LEU A 450 18.82 -31.41 -4.91
N CYS A 451 17.54 -31.32 -4.56
CA CYS A 451 16.50 -30.86 -5.49
C CYS A 451 16.45 -29.34 -5.51
N THR A 452 16.71 -28.73 -6.66
CA THR A 452 16.47 -27.31 -6.83
C THR A 452 15.48 -27.06 -7.96
N LEU A 453 14.55 -27.98 -8.11
CA LEU A 453 13.50 -27.83 -9.09
C LEU A 453 12.64 -26.63 -8.74
N PRO A 454 12.33 -25.76 -9.69
CA PRO A 454 11.48 -24.60 -9.41
C PRO A 454 10.17 -24.98 -8.77
N LEU A 455 9.67 -24.08 -7.90
CA LEU A 455 8.37 -24.33 -7.27
C LEU A 455 7.29 -24.57 -8.31
N GLY A 456 7.38 -23.92 -9.47
CA GLY A 456 6.38 -24.13 -10.51
C GLY A 456 6.42 -25.53 -11.10
N VAL A 457 7.63 -26.09 -11.20
CA VAL A 457 7.79 -27.47 -11.64
C VAL A 457 7.26 -28.45 -10.59
N LEU A 458 7.63 -28.25 -9.31
CA LEU A 458 7.10 -29.10 -8.26
C LEU A 458 5.60 -29.02 -8.17
N LYS A 459 5.01 -27.97 -8.71
CA LYS A 459 3.59 -27.72 -8.57
C LYS A 459 2.78 -28.44 -9.64
N GLN A 460 3.44 -28.80 -10.76
CA GLN A 460 2.79 -29.30 -11.97
C GLN A 460 1.76 -30.37 -11.64
N GLN A 461 0.51 -30.10 -12.03
CA GLN A 461 -0.61 -30.90 -11.55
C GLN A 461 -0.43 -32.36 -11.89
N PRO A 462 -0.25 -32.76 -13.17
CA PRO A 462 0.33 -34.10 -13.49
C PRO A 462 1.86 -34.04 -13.39
N PRO A 463 2.44 -34.73 -12.40
CA PRO A 463 3.87 -34.50 -12.06
C PRO A 463 4.79 -34.55 -13.25
N ALA A 464 5.67 -33.56 -13.36
CA ALA A 464 6.77 -33.64 -14.30
C ALA A 464 7.91 -34.47 -13.75
N VAL A 465 7.96 -34.66 -12.42
CA VAL A 465 8.99 -35.41 -11.72
C VAL A 465 8.32 -36.22 -10.63
N GLN A 466 8.62 -37.51 -10.61
CA GLN A 466 7.99 -38.44 -9.68
C GLN A 466 8.95 -38.72 -8.54
N PHE A 467 8.45 -38.60 -7.31
CA PHE A 467 9.27 -38.93 -6.16
C PHE A 467 8.87 -40.32 -5.66
N VAL A 468 9.87 -41.13 -5.36
CA VAL A 468 9.63 -42.52 -4.97
C VAL A 468 10.48 -42.84 -3.74
N PRO A 469 9.87 -42.93 -2.56
CA PRO A 469 8.42 -42.75 -2.36
C PRO A 469 7.93 -41.32 -2.50
N PRO A 470 6.61 -41.16 -2.62
CA PRO A 470 6.05 -39.81 -2.77
C PRO A 470 6.40 -38.95 -1.56
N LEU A 471 6.55 -37.65 -1.81
CA LEU A 471 6.78 -36.71 -0.72
C LEU A 471 5.61 -36.74 0.27
N PRO A 472 5.89 -36.56 1.54
CA PRO A 472 4.80 -36.54 2.54
C PRO A 472 3.88 -35.34 2.38
N GLU A 473 2.70 -35.46 3.00
CA GLU A 473 1.69 -34.40 2.93
C GLU A 473 2.25 -33.06 3.41
N TRP A 474 3.05 -33.06 4.48
CA TRP A 474 3.47 -31.76 4.96
C TRP A 474 4.24 -31.01 3.88
N LYS A 475 4.97 -31.72 3.04
CA LYS A 475 5.72 -31.04 1.99
C LYS A 475 4.83 -30.69 0.79
N THR A 476 3.98 -31.63 0.34
CA THR A 476 3.15 -31.35 -0.84
C THR A 476 2.20 -30.19 -0.57
N SER A 477 1.62 -30.14 0.63
CA SER A 477 0.69 -29.06 1.00
C SER A 477 1.37 -27.71 1.03
N ALA A 478 2.56 -27.62 1.61
CA ALA A 478 3.33 -26.40 1.42
C ALA A 478 3.48 -26.07 -0.07
N VAL A 479 3.71 -27.07 -0.90
CA VAL A 479 3.90 -26.82 -2.33
C VAL A 479 2.60 -26.31 -2.95
N GLN A 480 1.46 -26.88 -2.56
CA GLN A 480 0.21 -26.39 -3.14
C GLN A 480 -0.13 -24.99 -2.63
N ARG A 481 0.27 -24.67 -1.40
CA ARG A 481 -0.18 -23.46 -0.74
C ARG A 481 0.54 -22.23 -1.24
N MET A 482 1.83 -22.29 -1.50
CA MET A 482 2.33 -20.98 -1.86
C MET A 482 2.16 -20.73 -3.34
N GLY A 483 2.24 -19.47 -3.68
CA GLY A 483 2.06 -19.06 -5.03
C GLY A 483 3.36 -19.12 -5.78
N PHE A 484 3.24 -19.46 -7.04
CA PHE A 484 4.31 -19.28 -7.99
C PHE A 484 3.72 -18.38 -9.05
N GLY A 485 4.30 -17.18 -9.19
CA GLY A 485 3.74 -16.15 -10.05
C GLY A 485 4.33 -16.18 -11.44
N ASN A 486 4.16 -15.07 -12.14
CA ASN A 486 4.51 -14.98 -13.55
C ASN A 486 4.81 -13.52 -13.89
N LEU A 487 5.60 -13.32 -14.93
CA LEU A 487 6.15 -12.02 -15.29
C LEU A 487 6.99 -12.14 -16.55
N ASN A 488 6.68 -11.40 -17.63
CA ASN A 488 7.33 -11.63 -18.92
C ASN A 488 7.91 -10.34 -19.47
N LYS A 489 8.79 -10.46 -20.47
CA LYS A 489 9.43 -9.30 -21.07
C LYS A 489 9.38 -9.35 -22.60
N VAL A 490 9.30 -8.17 -23.21
CA VAL A 490 9.56 -7.98 -24.63
C VAL A 490 10.87 -7.22 -24.77
N VAL A 491 11.79 -7.79 -25.52
CA VAL A 491 13.05 -7.11 -25.81
C VAL A 491 12.97 -6.55 -27.21
N LEU A 492 13.23 -5.24 -27.34
CA LEU A 492 13.14 -4.51 -28.59
C LEU A 492 14.53 -3.98 -28.95
N CYS A 493 15.04 -4.41 -30.10
CA CYS A 493 16.38 -4.07 -30.56
C CYS A 493 16.30 -3.15 -31.77
N PHE A 494 17.00 -2.01 -31.69
CA PHE A 494 16.91 -0.97 -32.71
C PHE A 494 18.30 -0.57 -33.17
N ASP A 495 18.34 0.13 -34.33
CA ASP A 495 19.57 0.68 -34.87
C ASP A 495 19.92 2.04 -34.27
N ARG A 496 18.90 2.85 -33.98
CA ARG A 496 19.09 4.19 -33.46
C ARG A 496 18.42 4.33 -32.10
N VAL A 497 19.12 4.95 -31.17
CA VAL A 497 18.51 5.35 -29.90
C VAL A 497 17.50 6.47 -30.20
N PHE A 498 16.21 6.18 -30.05
CA PHE A 498 15.20 7.22 -30.24
C PHE A 498 14.47 7.63 -28.96
N TRP A 499 14.71 6.96 -27.84
CA TRP A 499 14.11 7.36 -26.58
C TRP A 499 15.00 8.39 -25.93
N ASP A 500 14.62 8.82 -24.75
CA ASP A 500 15.46 9.71 -23.98
C ASP A 500 16.55 8.89 -23.29
N PRO A 501 17.81 9.03 -23.72
CA PRO A 501 18.89 8.22 -23.13
C PRO A 501 19.18 8.53 -21.69
N SER A 502 18.64 9.61 -21.15
CA SER A 502 18.93 9.94 -19.76
C SER A 502 17.97 9.26 -18.79
N VAL A 503 16.87 8.70 -19.29
CA VAL A 503 15.88 8.02 -18.47
C VAL A 503 16.10 6.53 -18.58
N ASN A 504 16.06 5.85 -17.43
CA ASN A 504 16.20 4.41 -17.45
C ASN A 504 14.87 3.73 -17.66
N LEU A 505 13.82 4.24 -17.02
CA LEU A 505 12.52 3.64 -17.13
C LEU A 505 11.46 4.72 -17.32
N PHE A 506 10.31 4.30 -17.84
CA PHE A 506 9.21 5.20 -18.13
C PHE A 506 7.96 4.37 -18.39
N GLY A 507 6.81 4.93 -18.08
CA GLY A 507 5.61 4.11 -18.03
C GLY A 507 4.62 4.37 -19.13
N HIS A 508 3.68 3.47 -19.30
CA HIS A 508 2.56 3.62 -20.21
C HIS A 508 1.32 3.29 -19.42
N VAL A 509 0.33 4.17 -19.45
CA VAL A 509 -0.83 4.01 -18.60
C VAL A 509 -1.94 3.35 -19.40
N GLY A 510 -2.46 2.24 -18.87
CA GLY A 510 -3.44 1.45 -19.59
C GLY A 510 -4.79 2.15 -19.63
N SER A 511 -5.52 1.88 -20.72
CA SER A 511 -6.94 2.22 -20.80
C SER A 511 -7.72 1.67 -19.60
N THR A 512 -7.73 0.36 -19.45
CA THR A 512 -8.57 -0.29 -18.47
C THR A 512 -7.75 -0.76 -17.27
N THR A 513 -8.49 -1.24 -16.27
CA THR A 513 -7.89 -1.89 -15.11
C THR A 513 -7.37 -3.27 -15.46
N ALA A 514 -8.24 -4.12 -16.02
CA ALA A 514 -7.83 -5.45 -16.44
C ALA A 514 -6.49 -5.45 -17.16
N SER A 515 -6.25 -4.47 -18.02
CA SER A 515 -5.03 -4.47 -18.83
C SER A 515 -3.93 -3.62 -18.21
N ARG A 516 -3.95 -3.38 -16.90
CA ARG A 516 -2.93 -2.52 -16.30
C ARG A 516 -1.53 -3.14 -16.35
N GLY A 517 -1.42 -4.47 -16.47
CA GLY A 517 -0.10 -5.07 -16.61
C GLY A 517 0.47 -5.01 -18.01
N GLU A 518 -0.40 -4.99 -19.03
CA GLU A 518 -0.02 -5.05 -20.44
C GLU A 518 0.96 -3.95 -20.87
N LEU A 519 2.24 -4.29 -20.92
CA LEU A 519 3.28 -3.40 -21.45
C LEU A 519 3.36 -2.06 -20.71
N PHE A 520 3.20 -2.09 -19.39
CA PHE A 520 3.05 -0.89 -18.58
C PHE A 520 4.37 -0.17 -18.28
N LEU A 521 5.52 -0.75 -18.60
CA LEU A 521 6.76 -0.16 -18.13
C LEU A 521 7.88 -0.49 -19.11
N PHE A 522 8.82 0.43 -19.29
CA PHE A 522 9.83 0.31 -20.33
C PHE A 522 11.20 0.59 -19.74
N TRP A 523 12.20 -0.20 -20.13
CA TRP A 523 13.54 -0.14 -19.57
C TRP A 523 14.56 0.11 -20.67
N ASN A 524 15.48 1.04 -20.42
CA ASN A 524 16.65 1.28 -21.25
C ASN A 524 17.83 1.12 -20.30
N LEU A 525 18.53 -0.03 -20.41
CA LEU A 525 19.61 -0.32 -19.47
C LEU A 525 20.93 -0.62 -20.14
N TYR A 526 20.92 -1.02 -21.41
CA TYR A 526 22.06 -1.62 -22.06
C TYR A 526 22.69 -0.61 -23.01
N LYS A 527 23.91 -0.96 -23.46
CA LYS A 527 24.68 -0.12 -24.39
C LYS A 527 23.94 -0.04 -25.72
N ALA A 528 23.83 -1.16 -26.41
CA ALA A 528 23.03 -1.22 -27.63
C ALA A 528 21.69 -0.51 -27.43
N PRO A 529 21.11 0.03 -28.49
CA PRO A 529 19.73 0.49 -28.41
C PRO A 529 18.75 -0.66 -28.15
N ILE A 530 18.47 -0.92 -26.87
CA ILE A 530 17.55 -1.97 -26.47
C ILE A 530 16.52 -1.36 -25.54
N LEU A 531 15.26 -1.76 -25.74
CA LEU A 531 14.15 -1.35 -24.87
C LEU A 531 13.41 -2.60 -24.39
N LEU A 532 13.18 -2.67 -23.08
CA LEU A 532 12.50 -3.79 -22.45
C LEU A 532 11.08 -3.37 -22.07
N ALA A 533 10.10 -4.17 -22.44
CA ALA A 533 8.72 -3.89 -22.05
C ALA A 533 8.23 -5.00 -21.12
N LEU A 534 7.85 -4.62 -19.89
CA LEU A 534 7.33 -5.60 -18.93
C LEU A 534 5.85 -5.91 -19.17
N VAL A 535 5.47 -7.16 -18.92
CA VAL A 535 4.07 -7.60 -18.93
C VAL A 535 3.80 -8.23 -17.57
N ALA A 536 3.10 -7.50 -16.67
CA ALA A 536 2.91 -7.84 -15.26
C ALA A 536 1.46 -8.24 -14.98
N GLY A 537 1.18 -8.59 -13.73
CA GLY A 537 -0.18 -8.88 -13.30
C GLY A 537 -0.91 -9.86 -14.20
N GLU A 538 -2.25 -9.76 -14.22
CA GLU A 538 -3.03 -10.70 -15.02
C GLU A 538 -2.74 -10.62 -16.51
N ALA A 539 -2.05 -9.58 -16.97
CA ALA A 539 -1.68 -9.55 -18.38
C ALA A 539 -0.69 -10.66 -18.72
N ALA A 540 0.27 -10.93 -17.81
CA ALA A 540 1.34 -11.88 -18.13
C ALA A 540 0.78 -13.25 -18.52
N GLY A 541 -0.12 -13.78 -17.69
CA GLY A 541 -0.76 -15.04 -18.01
C GLY A 541 -1.37 -15.07 -19.39
N ILE A 542 -2.02 -13.98 -19.79
CA ILE A 542 -2.77 -13.93 -21.04
C ILE A 542 -1.89 -13.62 -22.23
N MET A 543 -1.10 -12.56 -22.16
CA MET A 543 -0.21 -12.22 -23.26
C MET A 543 0.60 -13.40 -23.77
N GLU A 544 0.63 -14.52 -23.03
CA GLU A 544 1.47 -15.62 -23.49
C GLU A 544 0.81 -16.43 -24.59
N ASN A 545 -0.53 -16.37 -24.66
CA ASN A 545 -1.34 -16.97 -25.70
C ASN A 545 -1.52 -16.06 -26.91
N ILE A 546 -0.70 -15.02 -27.04
CA ILE A 546 -0.77 -14.08 -28.15
C ILE A 546 0.54 -14.17 -28.91
N SER A 547 0.45 -14.20 -30.25
CA SER A 547 1.62 -14.33 -31.09
C SER A 547 2.66 -13.25 -30.82
N ASP A 548 3.91 -13.58 -31.14
CA ASP A 548 5.02 -12.66 -30.96
C ASP A 548 4.77 -11.34 -31.69
N ASP A 549 4.18 -11.40 -32.88
CA ASP A 549 4.09 -10.23 -33.75
C ASP A 549 3.07 -9.24 -33.23
N VAL A 550 1.89 -9.74 -32.82
CA VAL A 550 0.93 -8.89 -32.14
C VAL A 550 1.55 -8.19 -30.93
N ILE A 551 2.30 -8.93 -30.11
CA ILE A 551 2.85 -8.34 -28.89
C ILE A 551 3.76 -7.17 -29.24
N VAL A 552 4.68 -7.38 -30.19
CA VAL A 552 5.57 -6.29 -30.58
C VAL A 552 4.80 -5.20 -31.31
N GLY A 553 3.71 -5.56 -31.98
CA GLY A 553 2.79 -4.57 -32.52
C GLY A 553 2.36 -3.62 -31.42
N ARG A 554 1.51 -4.10 -30.52
CA ARG A 554 1.03 -3.31 -29.40
C ARG A 554 2.18 -2.49 -28.81
N CYS A 555 3.38 -3.06 -28.86
CA CYS A 555 4.55 -2.40 -28.28
C CYS A 555 4.95 -1.16 -29.07
N LEU A 556 5.10 -1.31 -30.38
CA LEU A 556 5.60 -0.21 -31.20
C LEU A 556 4.58 0.91 -31.26
N ALA A 557 3.30 0.55 -31.32
CA ALA A 557 2.23 1.51 -31.10
C ALA A 557 2.53 2.40 -29.91
N ILE A 558 2.38 1.87 -28.70
CA ILE A 558 2.58 2.61 -27.46
C ILE A 558 3.78 3.54 -27.58
N LEU A 559 4.89 3.04 -28.13
CA LEU A 559 6.09 3.86 -28.24
C LEU A 559 5.90 4.97 -29.27
N LYS A 560 5.22 4.67 -30.39
CA LYS A 560 5.00 5.68 -31.42
C LYS A 560 4.11 6.82 -30.89
N GLY A 561 2.98 6.46 -30.28
CA GLY A 561 2.12 7.47 -29.68
C GLY A 561 2.74 8.19 -28.49
N ILE A 562 4.05 8.05 -28.30
CA ILE A 562 4.75 8.66 -27.18
C ILE A 562 5.99 9.40 -27.70
N PHE A 563 6.58 8.90 -28.78
CA PHE A 563 7.82 9.46 -29.31
C PHE A 563 7.66 10.02 -30.73
N GLY A 564 6.55 9.75 -31.40
CA GLY A 564 6.32 10.21 -32.74
C GLY A 564 6.35 9.09 -33.75
N SER A 565 5.28 8.94 -34.53
CA SER A 565 5.13 7.84 -35.49
C SER A 565 6.30 7.71 -36.45
N SER A 566 7.24 8.63 -36.39
CA SER A 566 8.35 8.70 -37.31
C SER A 566 9.70 8.37 -36.69
N ALA A 567 9.90 8.64 -35.39
CA ALA A 567 11.15 8.37 -34.67
C ALA A 567 11.34 6.91 -34.26
N VAL A 568 10.42 6.02 -34.63
CA VAL A 568 10.34 4.67 -34.08
C VAL A 568 10.59 3.65 -35.19
N PRO A 569 11.85 3.20 -35.41
CA PRO A 569 12.13 2.29 -36.54
C PRO A 569 11.41 0.98 -36.35
N GLN A 570 11.51 0.07 -37.33
CA GLN A 570 11.20 -1.30 -36.99
C GLN A 570 12.31 -1.87 -36.11
N PRO A 571 12.03 -2.93 -35.36
CA PRO A 571 13.08 -3.58 -34.58
C PRO A 571 13.86 -4.56 -35.44
N LYS A 572 15.18 -4.54 -35.26
CA LYS A 572 16.03 -5.55 -35.90
C LYS A 572 15.75 -6.94 -35.34
N GLU A 573 15.67 -7.06 -34.01
CA GLU A 573 15.50 -8.31 -33.28
C GLU A 573 14.47 -8.17 -32.17
N THR A 574 13.62 -9.19 -32.03
CA THR A 574 12.66 -9.25 -30.93
C THR A 574 12.66 -10.62 -30.26
N VAL A 575 12.56 -10.61 -28.91
CA VAL A 575 12.32 -11.78 -28.08
C VAL A 575 11.13 -11.50 -27.16
N VAL A 576 10.36 -12.53 -26.86
CA VAL A 576 9.24 -12.41 -25.94
C VAL A 576 9.28 -13.59 -24.97
N SER A 577 9.71 -13.34 -23.73
CA SER A 577 9.70 -14.39 -22.71
C SER A 577 8.29 -14.96 -22.53
N ARG A 578 8.23 -16.27 -22.21
CA ARG A 578 6.97 -16.95 -21.84
C ARG A 578 7.31 -17.92 -20.70
N TRP A 579 7.38 -17.38 -19.48
CA TRP A 579 7.91 -18.15 -18.36
C TRP A 579 6.91 -19.17 -17.86
N ARG A 580 5.62 -18.83 -17.84
CA ARG A 580 4.67 -19.84 -17.40
C ARG A 580 4.65 -21.05 -18.33
N ALA A 581 4.94 -20.84 -19.62
CA ALA A 581 4.90 -21.93 -20.56
C ALA A 581 6.18 -22.75 -20.55
N ASP A 582 7.30 -22.10 -20.19
CA ASP A 582 8.58 -22.78 -20.05
C ASP A 582 8.44 -23.98 -19.12
N PRO A 583 8.72 -25.20 -19.58
CA PRO A 583 8.49 -26.37 -18.72
C PRO A 583 9.56 -26.62 -17.64
N TRP A 584 10.68 -25.89 -17.62
CA TRP A 584 11.69 -25.93 -16.56
C TRP A 584 11.57 -24.74 -15.58
N ALA A 585 10.40 -24.09 -15.59
CA ALA A 585 10.14 -22.95 -14.74
C ALA A 585 8.67 -23.01 -14.33
N ARG A 586 7.78 -23.00 -15.31
CA ARG A 586 6.34 -22.99 -15.05
C ARG A 586 5.92 -21.74 -14.30
N GLY A 587 6.64 -20.64 -14.53
CA GLY A 587 6.36 -19.38 -13.87
C GLY A 587 7.65 -18.61 -13.66
N SER A 588 7.54 -17.49 -12.95
CA SER A 588 8.72 -16.64 -12.73
C SER A 588 9.35 -16.83 -11.34
N TYR A 589 8.58 -16.70 -10.27
CA TYR A 589 9.12 -16.92 -8.92
C TYR A 589 8.00 -16.92 -7.90
N SER A 590 8.33 -17.26 -6.67
CA SER A 590 7.30 -17.51 -5.67
C SER A 590 6.80 -16.21 -5.06
N TYR A 591 5.66 -16.29 -4.39
CA TYR A 591 5.00 -15.16 -3.76
C TYR A 591 4.14 -15.73 -2.65
N VAL A 592 4.00 -15.00 -1.55
CA VAL A 592 3.24 -15.57 -0.44
C VAL A 592 1.75 -15.47 -0.76
N ALA A 593 1.20 -16.51 -1.38
CA ALA A 593 -0.21 -16.51 -1.72
C ALA A 593 -1.05 -16.38 -0.45
N ALA A 594 -2.25 -15.83 -0.63
CA ALA A 594 -3.24 -15.89 0.44
C ALA A 594 -3.43 -17.33 0.88
N GLY A 595 -3.49 -17.54 2.18
CA GLY A 595 -3.54 -18.86 2.77
C GLY A 595 -2.20 -19.45 3.11
N SER A 596 -1.13 -18.94 2.50
CA SER A 596 0.22 -19.38 2.82
C SER A 596 0.75 -18.46 3.93
N SER A 597 2.07 -18.45 4.09
CA SER A 597 2.80 -17.73 5.12
C SER A 597 4.25 -18.10 4.91
N GLY A 598 5.16 -17.27 5.40
CA GLY A 598 6.57 -17.58 5.18
C GLY A 598 6.99 -18.87 5.84
N ASN A 599 6.11 -19.46 6.64
CA ASN A 599 6.37 -20.76 7.24
C ASN A 599 6.47 -21.87 6.19
N ASP A 600 5.66 -21.78 5.14
CA ASP A 600 5.74 -22.73 4.04
C ASP A 600 7.12 -22.73 3.42
N TYR A 601 7.75 -21.55 3.32
CA TYR A 601 9.10 -21.53 2.80
C TYR A 601 10.01 -22.43 3.63
N ASP A 602 9.79 -22.52 4.93
CA ASP A 602 10.66 -23.33 5.77
C ASP A 602 10.35 -24.81 5.59
N LEU A 603 9.06 -25.14 5.58
CA LEU A 603 8.65 -26.48 5.16
C LEU A 603 9.30 -26.88 3.82
N MET A 604 9.25 -26.02 2.79
CA MET A 604 9.97 -26.36 1.56
C MET A 604 11.38 -26.83 1.84
N ALA A 605 12.04 -26.20 2.80
CA ALA A 605 13.47 -26.42 2.93
C ALA A 605 13.83 -27.64 3.80
N GLN A 606 12.87 -28.24 4.53
CA GLN A 606 13.21 -29.40 5.35
C GLN A 606 13.63 -30.58 4.48
N PRO A 607 14.75 -31.21 4.77
CA PRO A 607 15.12 -32.44 4.07
C PRO A 607 14.16 -33.57 4.40
N ILE A 608 14.12 -34.56 3.49
CA ILE A 608 13.33 -35.79 3.65
C ILE A 608 14.20 -36.99 4.01
N THR A 609 13.71 -37.81 4.92
CA THR A 609 14.45 -38.97 5.42
C THR A 609 13.69 -40.25 5.13
N PRO A 610 14.16 -41.08 4.20
CA PRO A 610 13.45 -42.31 3.86
C PRO A 610 13.38 -43.25 5.03
N GLY A 611 12.34 -44.08 5.05
CA GLY A 611 12.16 -45.07 6.11
C GLY A 611 13.14 -46.23 6.04
N PRO A 612 13.17 -47.08 7.06
CA PRO A 612 14.12 -48.20 7.01
C PRO A 612 13.76 -49.19 5.91
N SER A 613 14.81 -49.80 5.35
CA SER A 613 14.61 -50.86 4.35
C SER A 613 14.14 -52.14 5.05
N ILE A 614 15.01 -52.75 5.85
CA ILE A 614 14.64 -53.84 6.75
C ILE A 614 13.72 -53.30 7.83
N PRO A 615 12.62 -53.96 8.19
CA PRO A 615 11.83 -53.48 9.32
C PRO A 615 12.63 -53.56 10.61
N GLY A 616 12.55 -52.49 11.40
CA GLY A 616 13.24 -52.39 12.67
C GLY A 616 14.72 -52.08 12.59
N ALA A 617 15.27 -51.82 11.40
CA ALA A 617 16.59 -51.25 11.35
C ALA A 617 16.54 -49.79 11.76
N PRO A 618 17.63 -49.25 12.29
CA PRO A 618 17.59 -47.90 12.83
C PRO A 618 17.24 -46.88 11.76
N GLN A 619 16.61 -45.80 12.23
CA GLN A 619 16.14 -44.70 11.39
C GLN A 619 17.29 -44.07 10.61
N PRO A 620 17.23 -44.03 9.29
CA PRO A 620 18.42 -43.62 8.53
C PRO A 620 18.88 -42.17 8.73
N ILE A 621 19.39 -41.73 7.60
CA ILE A 621 20.14 -40.52 7.34
C ILE A 621 19.15 -39.76 6.48
N PRO A 622 19.18 -38.43 6.41
CA PRO A 622 18.31 -37.77 5.45
C PRO A 622 18.93 -37.88 4.06
N ARG A 623 18.08 -38.01 3.05
CA ARG A 623 18.61 -38.30 1.73
C ARG A 623 18.21 -37.30 0.67
N LEU A 624 17.07 -36.65 0.82
CA LEU A 624 16.52 -35.71 -0.16
C LEU A 624 16.53 -34.29 0.43
N PHE A 625 17.25 -33.38 -0.22
CA PHE A 625 17.45 -32.01 0.23
C PHE A 625 16.94 -31.01 -0.81
N PHE A 626 16.43 -29.87 -0.36
CA PHE A 626 15.82 -28.89 -1.26
C PHE A 626 16.48 -27.53 -1.12
N ALA A 627 16.75 -26.91 -2.26
CA ALA A 627 17.28 -25.56 -2.30
C ALA A 627 16.52 -24.85 -3.40
N GLY A 628 16.91 -23.61 -3.65
CA GLY A 628 16.10 -22.86 -4.58
C GLY A 628 15.39 -21.66 -3.94
N GLU A 629 15.17 -20.64 -4.79
CA GLU A 629 14.46 -19.41 -4.48
C GLU A 629 13.29 -19.61 -3.51
N HIS A 630 12.47 -20.60 -3.77
CA HIS A 630 11.30 -20.87 -2.94
C HIS A 630 11.63 -21.59 -1.62
N THR A 631 12.89 -21.74 -1.20
CA THR A 631 13.20 -22.47 0.03
C THR A 631 13.83 -21.60 1.11
N ILE A 632 13.84 -20.28 0.93
CA ILE A 632 14.53 -19.39 1.84
C ILE A 632 13.53 -18.31 2.27
N ARG A 633 13.07 -18.39 3.52
CA ARG A 633 12.03 -17.52 4.07
C ARG A 633 12.39 -16.04 3.93
N ASN A 634 13.59 -15.65 4.31
CA ASN A 634 13.91 -14.23 4.35
C ASN A 634 14.36 -13.65 3.01
N TYR A 635 14.52 -14.45 1.96
CA TYR A 635 14.92 -13.84 0.69
C TYR A 635 14.34 -14.57 -0.51
N PRO A 636 13.03 -14.85 -0.52
CA PRO A 636 12.45 -15.55 -1.66
C PRO A 636 12.61 -14.72 -2.93
N ALA A 637 12.40 -15.41 -4.05
CA ALA A 637 12.13 -14.77 -5.31
C ALA A 637 13.26 -13.86 -5.76
N THR A 638 14.50 -14.17 -5.43
CA THR A 638 15.62 -13.34 -5.86
C THR A 638 16.80 -14.23 -6.25
N VAL A 639 17.86 -13.63 -6.76
CA VAL A 639 19.03 -14.43 -7.01
C VAL A 639 19.81 -14.64 -5.72
N HIS A 640 20.02 -13.60 -4.93
CA HIS A 640 20.78 -13.77 -3.69
C HIS A 640 20.12 -14.81 -2.81
N GLY A 641 18.79 -14.93 -2.89
CA GLY A 641 18.13 -15.92 -2.07
C GLY A 641 18.38 -17.31 -2.59
N ALA A 642 18.37 -17.47 -3.91
CA ALA A 642 18.75 -18.76 -4.48
C ALA A 642 20.14 -19.14 -3.99
N LEU A 643 21.09 -18.27 -4.26
CA LEU A 643 22.47 -18.51 -3.86
C LEU A 643 22.55 -18.85 -2.38
N LEU A 644 21.88 -18.09 -1.54
CA LEU A 644 21.93 -18.41 -0.12
C LEU A 644 21.41 -19.81 0.14
N SER A 645 20.30 -20.18 -0.49
CA SER A 645 19.74 -21.51 -0.22
C SER A 645 20.72 -22.59 -0.66
N GLY A 646 21.40 -22.38 -1.78
CA GLY A 646 22.42 -23.34 -2.18
C GLY A 646 23.50 -23.48 -1.12
N LEU A 647 24.01 -22.36 -0.63
CA LEU A 647 25.04 -22.41 0.39
C LEU A 647 24.53 -23.11 1.64
N ARG A 648 23.28 -22.86 2.00
CA ARG A 648 22.68 -23.50 3.16
C ARG A 648 22.73 -25.02 3.00
N GLU A 649 22.07 -25.55 1.95
CA GLU A 649 22.02 -27.00 1.78
C GLU A 649 23.42 -27.60 1.68
N ALA A 650 24.38 -26.92 1.08
CA ALA A 650 25.71 -27.50 1.00
C ALA A 650 26.28 -27.75 2.39
N GLY A 651 26.24 -26.74 3.24
CA GLY A 651 26.72 -26.96 4.60
C GLY A 651 25.95 -28.06 5.31
N ARG A 652 24.66 -28.17 5.05
CA ARG A 652 23.87 -29.15 5.79
C ARG A 652 24.17 -30.55 5.30
N ILE A 653 24.29 -30.72 3.98
CA ILE A 653 24.66 -32.01 3.40
C ILE A 653 26.03 -32.43 3.90
N ALA A 654 27.01 -31.53 3.83
CA ALA A 654 28.33 -31.90 4.32
C ALA A 654 28.32 -32.19 5.82
N ASP A 655 27.58 -31.42 6.61
CA ASP A 655 27.46 -31.74 8.03
C ASP A 655 26.96 -33.17 8.24
N GLN A 656 26.19 -33.68 7.29
CA GLN A 656 25.55 -34.98 7.45
C GLN A 656 26.45 -36.13 7.03
N PHE A 657 27.20 -35.97 5.94
CA PHE A 657 27.94 -37.06 5.32
C PHE A 657 29.44 -36.95 5.55
N LEU A 658 29.93 -35.79 5.97
CA LEU A 658 31.30 -35.65 6.42
C LEU A 658 31.40 -35.36 7.92
N GLY A 659 30.29 -35.15 8.61
CA GLY A 659 30.33 -34.78 10.01
C GLY A 659 30.89 -33.40 10.25
N ALA A 660 30.47 -32.78 11.35
CA ALA A 660 30.79 -31.38 11.66
C ALA A 660 32.02 -31.22 12.56
N LYS B 1 -0.41 -0.32 10.56
CA LYS B 1 -0.72 -0.68 11.94
C LYS B 1 -0.82 0.63 12.76
N ARG B 2 -1.21 0.54 14.04
CA ARG B 2 -1.23 1.71 14.93
C ARG B 2 -2.53 2.52 14.83
N LYS B 3 -2.60 3.45 13.88
CA LYS B 3 -3.79 4.23 13.53
C LYS B 3 -3.73 4.62 12.06
N PRO B 4 -4.85 4.59 11.35
CA PRO B 4 -4.82 4.64 9.88
C PRO B 4 -4.12 5.88 9.38
N PRO B 5 -3.58 5.84 8.17
CA PRO B 5 -2.97 7.06 7.62
C PRO B 5 -3.91 8.24 7.80
N LYS B 6 -3.38 9.45 7.78
CA LYS B 6 -4.17 10.64 8.07
C LYS B 6 -5.11 10.93 6.90
N GLY B 7 -6.42 10.98 7.16
CA GLY B 7 -7.37 11.20 6.10
C GLY B 7 -7.90 9.97 5.38
N MET B 8 -7.47 8.76 5.72
CA MET B 8 -8.24 7.56 5.38
C MET B 8 -9.20 7.26 6.51
N PHE B 9 -10.35 6.70 6.14
CA PHE B 9 -11.39 6.40 7.11
C PHE B 9 -11.74 4.93 7.03
N LEU B 10 -11.58 4.24 8.15
CA LEU B 10 -11.73 2.79 8.22
C LEU B 10 -12.25 2.47 9.61
N SER B 11 -13.52 2.77 9.85
CA SER B 11 -14.08 2.35 11.12
C SER B 11 -14.34 0.85 11.06
N GLN B 12 -14.33 0.22 12.24
CA GLN B 12 -14.74 -1.18 12.33
C GLN B 12 -16.04 -1.34 11.57
N GLU B 13 -17.15 -0.91 12.19
CA GLU B 13 -18.47 -0.74 11.59
C GLU B 13 -18.49 -0.78 10.06
N ASP B 14 -17.80 0.15 9.41
CA ASP B 14 -17.94 0.33 7.97
C ASP B 14 -17.51 -0.92 7.22
N VAL B 15 -16.47 -1.60 7.70
CA VAL B 15 -15.84 -2.67 6.93
C VAL B 15 -16.76 -3.88 6.81
N GLU B 16 -17.35 -4.33 7.94
CA GLU B 16 -18.38 -5.36 7.84
C GLU B 16 -19.47 -4.91 6.87
N ALA B 17 -19.75 -3.61 6.85
CA ALA B 17 -20.84 -3.08 6.06
C ALA B 17 -20.62 -3.29 4.57
N VAL B 18 -19.41 -3.03 4.08
CA VAL B 18 -19.13 -3.18 2.66
C VAL B 18 -18.64 -4.59 2.31
N SER B 19 -18.49 -5.46 3.29
CA SER B 19 -18.03 -6.83 3.06
C SER B 19 -19.12 -7.88 3.22
N ALA B 20 -20.07 -7.69 4.14
CA ALA B 20 -21.01 -8.74 4.55
C ALA B 20 -21.74 -9.44 3.41
N ASN B 21 -21.65 -8.91 2.19
CA ASN B 21 -22.06 -9.69 1.02
C ASN B 21 -21.29 -9.16 -0.19
N ALA B 22 -21.64 -9.66 -1.38
CA ALA B 22 -20.81 -9.41 -2.55
C ALA B 22 -21.00 -8.02 -3.13
N THR B 23 -22.25 -7.52 -3.14
CA THR B 23 -22.56 -6.17 -3.58
C THR B 23 -22.95 -5.23 -2.44
N ALA B 24 -22.75 -5.64 -1.17
CA ALA B 24 -22.96 -4.71 -0.07
C ALA B 24 -22.12 -3.45 -0.26
N ALA B 25 -21.01 -3.57 -0.97
CA ALA B 25 -20.23 -2.41 -1.39
C ALA B 25 -21.08 -1.50 -2.25
N THR B 26 -21.17 -1.79 -3.55
CA THR B 26 -21.86 -0.88 -4.45
C THR B 26 -23.36 -0.79 -4.15
N THR B 27 -23.78 -1.21 -2.96
CA THR B 27 -25.11 -0.88 -2.43
C THR B 27 -25.03 0.32 -1.49
N VAL B 28 -24.33 0.16 -0.34
CA VAL B 28 -24.16 1.26 0.59
C VAL B 28 -23.72 2.53 -0.12
N LEU B 29 -22.95 2.39 -1.20
CA LEU B 29 -22.58 3.53 -2.03
C LEU B 29 -23.70 4.04 -2.90
N ARG B 30 -24.64 3.18 -3.31
CA ARG B 30 -25.75 3.64 -4.14
C ARG B 30 -26.87 4.24 -3.32
N GLN B 31 -27.08 3.75 -2.10
CA GLN B 31 -28.10 4.31 -1.22
C GLN B 31 -27.68 5.69 -0.71
N LEU B 32 -26.39 5.91 -0.50
CA LEU B 32 -25.92 7.26 -0.20
C LEU B 32 -26.06 8.16 -1.42
N ASP B 33 -25.73 7.64 -2.61
CA ASP B 33 -25.90 8.38 -3.84
C ASP B 33 -27.32 8.97 -3.93
N MET B 34 -28.32 8.19 -3.52
CA MET B 34 -29.70 8.64 -3.62
C MET B 34 -30.07 9.57 -2.47
N GLU B 35 -29.73 9.20 -1.23
CA GLU B 35 -29.94 10.15 -0.14
C GLU B 35 -29.34 11.52 -0.44
N LEU B 36 -28.36 11.58 -1.35
CA LEU B 36 -27.89 12.88 -1.81
C LEU B 36 -28.93 13.56 -2.68
N VAL B 37 -29.27 12.96 -3.83
CA VAL B 37 -30.29 13.59 -4.70
C VAL B 37 -31.52 13.97 -3.88
N SER B 38 -31.93 13.10 -2.95
CA SER B 38 -33.09 13.41 -2.10
C SER B 38 -32.91 14.75 -1.39
N VAL B 39 -31.81 14.89 -0.64
CA VAL B 39 -31.61 16.15 0.09
C VAL B 39 -31.35 17.31 -0.86
N LYS B 40 -30.69 17.08 -1.99
CA LYS B 40 -30.46 18.19 -2.90
C LYS B 40 -31.77 18.76 -3.41
N ARG B 41 -32.71 17.89 -3.81
CA ARG B 41 -33.97 18.39 -4.36
C ARG B 41 -34.83 19.05 -3.29
N GLN B 42 -34.73 18.60 -2.04
CA GLN B 42 -35.45 19.28 -0.97
C GLN B 42 -34.80 20.61 -0.61
N ILE B 43 -33.58 20.86 -1.09
CA ILE B 43 -33.03 22.21 -1.03
C ILE B 43 -33.60 23.05 -2.17
N GLN B 44 -33.62 22.49 -3.38
CA GLN B 44 -34.31 23.16 -4.50
C GLN B 44 -35.71 23.61 -4.10
N ASN B 45 -36.35 22.87 -3.21
CA ASN B 45 -37.71 23.15 -2.82
C ASN B 45 -37.80 24.32 -1.85
N ILE B 46 -37.08 24.23 -0.72
CA ILE B 46 -37.03 25.33 0.25
C ILE B 46 -36.47 26.61 -0.36
N LYS B 47 -35.72 26.50 -1.47
CA LYS B 47 -35.24 27.71 -2.15
C LYS B 47 -36.39 28.38 -2.87
N GLN B 48 -37.15 27.62 -3.68
CA GLN B 48 -38.34 28.13 -4.34
C GLN B 48 -39.29 28.80 -3.33
N THR B 49 -39.55 28.12 -2.20
CA THR B 49 -40.41 28.68 -1.18
C THR B 49 -39.82 29.92 -0.53
N ASN B 50 -38.53 29.90 -0.20
CA ASN B 50 -37.94 31.09 0.37
C ASN B 50 -37.93 32.23 -0.64
N SER B 51 -37.87 31.93 -1.94
CA SER B 51 -37.85 33.01 -2.92
C SER B 51 -39.19 33.71 -2.99
N ALA B 52 -40.28 32.94 -2.87
CA ALA B 52 -41.62 33.52 -2.83
C ALA B 52 -41.80 34.39 -1.59
N LEU B 53 -41.49 33.85 -0.41
CA LEU B 53 -41.56 34.66 0.81
C LEU B 53 -40.78 35.95 0.65
N LYS B 54 -39.67 35.91 -0.10
CA LYS B 54 -38.89 37.14 -0.25
C LYS B 54 -39.66 38.15 -1.10
N GLU B 55 -40.44 37.69 -2.09
CA GLU B 55 -41.24 38.61 -2.89
C GLU B 55 -42.26 39.35 -2.02
N LYS B 56 -42.98 38.60 -1.18
CA LYS B 56 -43.97 39.19 -0.27
C LYS B 56 -43.38 40.22 0.70
N LEU B 57 -42.07 40.29 0.83
CA LEU B 57 -41.44 41.30 1.67
C LEU B 57 -40.94 42.50 0.87
N ASP B 58 -41.12 42.50 -0.46
CA ASP B 58 -40.63 43.59 -1.28
C ASP B 58 -41.34 44.89 -0.93
N GLY B 59 -40.54 45.89 -0.54
CA GLY B 59 -41.01 47.08 0.13
C GLY B 59 -40.48 47.18 1.55
N GLY B 60 -40.08 46.07 2.14
CA GLY B 60 -39.70 46.09 3.53
C GLY B 60 -40.87 46.59 4.37
N ILE B 61 -40.54 47.38 5.40
CA ILE B 61 -41.55 48.07 6.18
C ILE B 61 -41.30 49.57 6.08
N GLU B 62 -41.05 50.05 4.86
CA GLU B 62 -40.56 51.41 4.66
C GLU B 62 -41.67 52.44 4.80
N PRO B 63 -42.73 52.34 4.02
CA PRO B 63 -43.80 53.33 4.14
C PRO B 63 -44.66 53.08 5.37
N TYR B 64 -44.08 52.48 6.41
CA TYR B 64 -44.83 52.16 7.61
C TYR B 64 -44.17 52.66 8.88
N ARG B 65 -42.97 53.20 8.82
CA ARG B 65 -42.34 53.68 10.04
C ARG B 65 -42.75 55.12 10.29
N LEU B 66 -42.82 55.45 11.58
CA LEU B 66 -43.13 56.79 12.02
C LEU B 66 -42.00 57.27 12.90
N PRO B 67 -41.46 58.46 12.65
CA PRO B 67 -40.46 59.05 13.55
C PRO B 67 -40.90 58.96 15.00
N GLU B 68 -39.99 58.95 15.99
CA GLU B 68 -40.38 58.77 17.39
C GLU B 68 -39.92 59.93 18.29
N VAL B 69 -39.97 61.16 17.76
CA VAL B 69 -39.70 62.42 18.47
C VAL B 69 -38.62 62.29 19.54
N ILE B 70 -38.74 63.07 20.62
CA ILE B 70 -37.76 63.03 21.69
C ILE B 70 -38.44 63.08 23.06
N GLN B 71 -39.22 64.13 23.32
CA GLN B 71 -39.81 64.37 24.62
C GLN B 71 -38.74 64.22 25.70
N LYS B 72 -38.04 65.32 26.01
CA LYS B 72 -37.04 65.30 27.07
C LYS B 72 -37.73 65.01 28.41
N CYS B 73 -37.31 63.92 29.05
CA CYS B 73 -37.99 63.42 30.24
C CYS B 73 -38.14 64.49 31.32
N ASN B 74 -39.39 64.79 31.69
CA ASN B 74 -39.75 65.70 32.78
C ASN B 74 -40.00 64.92 34.06
N ALA B 75 -40.53 65.60 35.09
CA ALA B 75 -40.85 64.90 36.32
C ALA B 75 -42.18 65.28 36.93
N ARG B 76 -42.78 66.41 36.55
CA ARG B 76 -44.13 66.73 36.99
C ARG B 76 -45.14 65.90 36.18
N TRP B 77 -46.05 65.23 36.89
CA TRP B 77 -47.17 64.50 36.29
C TRP B 77 -48.32 65.48 36.02
N THR B 78 -48.52 65.86 34.76
CA THR B 78 -49.70 66.64 34.42
C THR B 78 -50.93 65.74 34.42
N THR B 79 -52.11 66.35 34.62
CA THR B 79 -53.33 65.57 34.65
C THR B 79 -53.51 64.75 33.38
N GLU B 80 -53.05 65.29 32.25
CA GLU B 80 -53.06 64.50 31.03
C GLU B 80 -52.26 63.22 31.23
N GLU B 81 -51.04 63.38 31.75
CA GLU B 81 -50.10 62.26 31.78
C GLU B 81 -50.57 61.16 32.73
N GLN B 82 -51.20 61.53 33.84
CA GLN B 82 -51.74 60.49 34.72
C GLN B 82 -52.79 59.67 33.99
N LEU B 83 -53.69 60.34 33.25
CA LEU B 83 -54.77 59.65 32.53
C LEU B 83 -54.22 58.74 31.44
N LEU B 84 -53.21 59.20 30.70
CA LEU B 84 -52.49 58.28 29.83
C LEU B 84 -52.00 57.05 30.62
N ALA B 85 -51.31 57.29 31.74
CA ALA B 85 -50.79 56.24 32.60
C ALA B 85 -51.84 55.19 32.91
N VAL B 86 -52.84 55.58 33.70
CA VAL B 86 -53.88 54.62 34.08
C VAL B 86 -54.49 53.89 32.89
N GLN B 87 -54.45 54.49 31.70
CA GLN B 87 -54.94 53.75 30.54
C GLN B 87 -53.89 52.76 30.05
N ALA B 88 -52.62 53.16 30.10
CA ALA B 88 -51.54 52.26 29.73
C ALA B 88 -51.48 51.07 30.69
N ILE B 89 -51.65 51.32 31.99
CA ILE B 89 -51.70 50.22 32.93
C ILE B 89 -52.82 49.24 32.60
N ARG B 90 -53.90 49.70 31.97
CA ARG B 90 -54.96 48.76 31.59
C ARG B 90 -54.68 48.03 30.29
N LYS B 91 -53.79 48.59 29.45
CA LYS B 91 -53.47 47.99 28.16
C LYS B 91 -52.22 47.13 28.23
N TYR B 92 -51.36 47.37 29.21
CA TYR B 92 -50.04 46.77 29.24
C TYR B 92 -49.68 46.06 30.53
N GLY B 93 -50.37 46.32 31.64
CA GLY B 93 -50.03 45.71 32.91
C GLY B 93 -48.78 46.27 33.56
N ARG B 94 -47.64 45.60 33.37
CA ARG B 94 -46.37 46.00 33.99
C ARG B 94 -45.28 46.34 32.99
N ASP B 95 -45.57 46.35 31.70
CA ASP B 95 -44.53 46.57 30.70
C ASP B 95 -43.98 47.99 30.82
N PHE B 96 -43.51 48.38 32.00
CA PHE B 96 -43.16 49.77 32.31
C PHE B 96 -42.38 50.45 31.20
N GLN B 97 -41.78 49.66 30.31
CA GLN B 97 -41.10 50.26 29.17
C GLN B 97 -42.11 50.83 28.18
N ALA B 98 -43.11 50.03 27.79
CA ALA B 98 -44.16 50.53 26.91
C ALA B 98 -44.90 51.68 27.59
N ILE B 99 -45.24 51.53 28.87
CA ILE B 99 -46.00 52.57 29.55
C ILE B 99 -45.24 53.90 29.52
N SER B 100 -43.92 53.85 29.69
CA SER B 100 -43.12 55.06 29.58
C SER B 100 -43.03 55.55 28.13
N ASP B 101 -43.18 54.65 27.16
CA ASP B 101 -43.11 55.07 25.76
C ASP B 101 -44.41 55.72 25.31
N VAL B 102 -45.54 55.25 25.85
CA VAL B 102 -46.82 55.89 25.59
C VAL B 102 -46.82 57.32 26.12
N ILE B 103 -46.45 57.48 27.39
CA ILE B 103 -46.51 58.80 28.02
C ILE B 103 -45.54 59.77 27.37
N GLY B 104 -44.31 59.32 27.12
CA GLY B 104 -43.40 60.07 26.28
C GLY B 104 -42.34 60.87 27.03
N ASN B 105 -42.75 61.60 28.06
CA ASN B 105 -41.81 62.33 28.90
C ASN B 105 -41.77 61.78 30.33
N LYS B 106 -42.08 60.50 30.49
CA LYS B 106 -41.84 59.83 31.76
C LYS B 106 -41.01 58.59 31.49
N SER B 107 -40.03 58.35 32.36
CA SER B 107 -39.12 57.22 32.22
C SER B 107 -39.41 56.20 33.31
N VAL B 108 -39.00 54.96 33.02
CA VAL B 108 -39.37 53.76 33.77
C VAL B 108 -39.23 53.98 35.27
N VAL B 109 -38.45 55.00 35.65
CA VAL B 109 -38.26 55.45 37.01
C VAL B 109 -39.61 55.91 37.60
N GLN B 110 -40.07 57.10 37.17
CA GLN B 110 -41.33 57.62 37.71
C GLN B 110 -42.51 56.75 37.29
N VAL B 111 -42.40 56.01 36.19
CA VAL B 111 -43.41 55.02 35.84
C VAL B 111 -43.54 53.97 36.94
N LYS B 112 -42.41 53.49 37.47
CA LYS B 112 -42.45 52.60 38.63
C LYS B 112 -42.90 53.35 39.90
N ASN B 113 -42.36 54.57 40.11
CA ASN B 113 -42.79 55.48 41.17
C ASN B 113 -44.31 55.64 41.23
N PHE B 114 -44.87 56.33 40.22
CA PHE B 114 -46.30 56.53 40.05
C PHE B 114 -47.08 55.29 40.47
N PHE B 115 -46.60 54.12 40.06
CA PHE B 115 -47.29 52.87 40.34
C PHE B 115 -47.66 52.71 41.81
N VAL B 116 -46.95 53.38 42.72
CA VAL B 116 -47.18 53.19 44.14
C VAL B 116 -47.55 54.51 44.81
N ASN B 117 -47.09 55.64 44.25
CA ASN B 117 -47.54 56.93 44.75
C ASN B 117 -49.06 57.06 44.64
N TYR B 118 -49.60 56.83 43.45
CA TYR B 118 -51.01 56.98 43.20
C TYR B 118 -51.77 55.66 43.33
N ARG B 119 -51.09 54.58 43.71
CA ARG B 119 -51.64 53.21 43.76
C ARG B 119 -53.04 53.12 44.36
N ARG B 120 -53.44 54.15 45.09
CA ARG B 120 -54.63 54.10 45.93
C ARG B 120 -55.82 54.80 45.28
N ARG B 121 -55.65 56.08 44.95
CA ARG B 121 -56.75 56.88 44.43
C ARG B 121 -56.93 56.74 42.92
N PHE B 122 -55.93 56.22 42.21
CA PHE B 122 -56.14 55.74 40.84
C PHE B 122 -56.50 54.25 40.81
N ASN B 123 -57.05 53.72 41.92
CA ASN B 123 -57.42 52.33 42.12
C ASN B 123 -56.54 51.37 41.32
N ILE B 124 -55.22 51.60 41.33
CA ILE B 124 -54.31 50.92 40.41
C ILE B 124 -54.36 49.42 40.60
N ASP B 125 -54.66 48.96 41.81
CA ASP B 125 -54.79 47.54 42.04
C ASP B 125 -55.86 46.95 41.13
N GLU B 126 -57.08 47.51 41.21
CA GLU B 126 -58.17 47.06 40.34
C GLU B 126 -57.76 47.08 38.88
N VAL B 127 -57.11 48.16 38.45
CA VAL B 127 -56.74 48.28 37.05
C VAL B 127 -55.89 47.10 36.64
N LEU B 128 -54.90 46.75 37.45
CA LEU B 128 -54.00 45.65 37.09
C LEU B 128 -54.75 44.32 37.06
N GLN B 129 -55.69 44.11 37.97
CA GLN B 129 -56.44 42.87 37.91
C GLN B 129 -57.35 42.82 36.68
N GLU B 130 -57.67 43.98 36.09
CA GLU B 130 -58.37 43.99 34.81
C GLU B 130 -57.47 43.44 33.70
N TRP B 131 -56.22 43.93 33.61
CA TRP B 131 -55.30 43.42 32.60
C TRP B 131 -55.02 41.94 32.80
N GLU B 132 -55.03 41.48 34.05
CA GLU B 132 -54.77 40.05 34.30
C GLU B 132 -55.89 39.19 33.72
N ALA B 133 -57.15 39.62 33.85
CA ALA B 133 -58.24 38.95 33.14
C ALA B 133 -57.78 38.58 31.72
N GLU B 134 -56.92 39.42 31.13
CA GLU B 134 -56.38 39.20 29.79
C GLU B 134 -57.46 38.69 28.86
#